data_5EFQ
#
_entry.id   5EFQ
#
_cell.length_a   50.780
_cell.length_b   81.820
_cell.length_c   93.140
_cell.angle_alpha   74.08
_cell.angle_beta   84.26
_cell.angle_gamma   76.89
#
_symmetry.space_group_name_H-M   'P 1'
#
loop_
_entity.id
_entity.type
_entity.pdbx_description
1 polymer 'Cyclin-dependent kinase 13'
2 polymer Cyclin-K
3 non-polymer "ADENOSINE-5'-DIPHOSPHATE"
4 non-polymer 'ALUMINUM FLUORIDE'
5 non-polymer 'MAGNESIUM ION'
6 water water
#
loop_
_entity_poly.entity_id
_entity_poly.type
_entity_poly.pdbx_seq_one_letter_code
_entity_poly.pdbx_strand_id
1 'polypeptide(L)'
;GDIDWGKRCVDKFDIIGIIGEGTYGQVYKARDKDTGEMVALKKVRLDNEKEGFPITAIREIKILRQLTHQSIINMKEIVT
DKEDALDFKKDKGAFYLVFEYMDHDLMGLLESGLVHFNENHIKSFMRQLMEGLDYCHKKNFLHRDIKCSNILLNNRGQIK
LADFGLARLYSSEESRPY(TPO)NKVITLWYRPPELLLGEERYTPAIDVWSCGCILGELFTKKPIFQANQELAQLELISR
ICGSPCPAVWPDVIKLPYFNTMKPKKQYRRKLREEFVFIPAAALDLFDYMLALDPSKRCTAEQALQCEFLRDVEPSKMPP
PDLPLWQDCHELWSKKRRRQKQMGMTDDVST
;
A,C
2 'polypeptide(L)'
;GMKENKENSSPSVTSANLDHTKPCWYWDKKDLAHTPSQLEGLDPATEARYRREGARFIFDVGTRLGLHYDTLATGIIYFH
RFYMFHSFKQFPRYVTGACCLFLAGKVEETPKKCKDIIKTARSLLNDVQFGQFGDDPKEEVMVLERILLQTIKFDLQVEH
PYQFLLKYAKQLKGDKNKIQKLVQMAWTFVNDSLCTTLSLQWEPEIIAVAVMYLAGRLCKFEIQEWTSKPMYRRWWEQFV
QDVPVDVLEDICHQILDLYSQGKQQMPH
;
B,D
#
# COMPACT_ATOMS: atom_id res chain seq x y z
N ILE A 3 -34.97 21.17 6.39
CA ILE A 3 -34.29 22.46 6.51
C ILE A 3 -33.30 22.47 7.66
N ASP A 4 -33.79 22.83 8.85
CA ASP A 4 -32.96 22.86 10.05
C ASP A 4 -33.29 21.68 10.98
N TRP A 5 -32.38 20.72 11.04
CA TRP A 5 -32.62 19.43 11.70
C TRP A 5 -32.16 19.40 13.16
N GLY A 6 -32.84 18.59 13.97
CA GLY A 6 -32.54 18.44 15.37
C GLY A 6 -33.39 19.29 16.30
N LYS A 7 -34.22 20.17 15.73
CA LYS A 7 -34.91 21.17 16.54
C LYS A 7 -36.40 20.88 16.75
N ARG A 8 -37.04 20.19 15.81
CA ARG A 8 -38.46 19.85 15.99
C ARG A 8 -38.61 18.70 16.99
N CYS A 9 -39.76 18.64 17.66
CA CYS A 9 -39.95 17.70 18.78
C CYS A 9 -40.54 16.37 18.33
N VAL A 10 -40.18 15.30 19.04
CA VAL A 10 -40.56 13.96 18.64
C VAL A 10 -42.06 13.74 18.90
N ASP A 11 -42.71 14.65 19.62
CA ASP A 11 -44.16 14.49 19.86
C ASP A 11 -44.97 14.99 18.67
N LYS A 12 -44.26 15.46 17.65
CA LYS A 12 -44.80 15.66 16.31
C LYS A 12 -45.16 14.30 15.67
N PHE A 13 -44.65 13.22 16.27
CA PHE A 13 -44.91 11.87 15.81
C PHE A 13 -45.67 11.08 16.86
N ASP A 14 -46.54 10.19 16.39
CA ASP A 14 -47.20 9.23 17.25
C ASP A 14 -46.47 7.90 17.12
N ILE A 15 -45.98 7.38 18.24
CA ILE A 15 -45.16 6.17 18.22
C ILE A 15 -46.03 4.92 18.25
N ILE A 16 -45.88 4.09 17.22
CA ILE A 16 -46.72 2.93 17.03
C ILE A 16 -46.17 1.65 17.65
N GLY A 17 -44.86 1.40 17.48
CA GLY A 17 -44.25 0.23 18.07
C GLY A 17 -42.76 0.09 17.75
N ILE A 18 -42.09 -0.77 18.51
CA ILE A 18 -40.71 -1.11 18.28
C ILE A 18 -40.64 -2.11 17.14
N ILE A 19 -40.00 -1.74 16.04
CA ILE A 19 -39.84 -2.66 14.90
C ILE A 19 -38.43 -3.17 14.75
N GLY A 20 -37.51 -2.62 15.52
CA GLY A 20 -36.14 -3.07 15.48
C GLY A 20 -35.40 -2.69 16.74
N GLU A 21 -34.47 -3.55 17.13
CA GLU A 21 -33.48 -3.15 18.12
C GLU A 21 -32.19 -2.86 17.37
N GLY A 22 -31.62 -1.69 17.64
CA GLY A 22 -30.48 -1.23 16.89
C GLY A 22 -29.24 -1.10 17.72
N THR A 23 -28.12 -0.80 17.06
CA THR A 23 -26.85 -0.66 17.75
C THR A 23 -26.97 0.32 18.93
N TYR A 24 -27.36 1.56 18.63
CA TYR A 24 -27.35 2.63 19.63
C TYR A 24 -28.73 3.06 20.11
N GLY A 25 -29.76 2.36 19.65
CA GLY A 25 -31.08 2.59 20.19
C GLY A 25 -32.12 1.70 19.55
N GLN A 26 -33.36 1.76 20.05
CA GLN A 26 -34.43 0.97 19.46
C GLN A 26 -34.90 1.63 18.17
N VAL A 27 -35.49 0.85 17.27
CA VAL A 27 -36.04 1.40 16.05
C VAL A 27 -37.59 1.34 16.10
N TYR A 28 -38.24 2.47 15.87
CA TYR A 28 -39.71 2.55 15.98
C TYR A 28 -40.41 2.81 14.65
N LYS A 29 -41.61 2.24 14.51
CA LYS A 29 -42.54 2.67 13.47
C LYS A 29 -43.36 3.81 14.09
N ALA A 30 -43.52 4.91 13.36
CA ALA A 30 -44.31 6.05 13.85
C ALA A 30 -44.98 6.77 12.69
N ARG A 31 -45.90 7.68 13.03
CA ARG A 31 -46.61 8.44 12.03
C ARG A 31 -46.52 9.94 12.30
N ASP A 32 -46.24 10.71 11.26
CA ASP A 32 -46.27 12.17 11.37
C ASP A 32 -47.71 12.67 11.66
N LYS A 33 -47.91 13.31 12.82
CA LYS A 33 -49.23 13.80 13.25
C LYS A 33 -49.78 14.91 12.35
N ASP A 34 -48.91 15.65 11.70
CA ASP A 34 -49.37 16.70 10.78
C ASP A 34 -49.72 16.13 9.41
N THR A 35 -48.75 15.49 8.77
CA THR A 35 -48.88 15.10 7.37
C THR A 35 -49.45 13.70 7.17
N GLY A 36 -49.41 12.87 8.21
CA GLY A 36 -49.91 11.51 8.11
C GLY A 36 -48.88 10.55 7.51
N GLU A 37 -47.71 11.08 7.16
CA GLU A 37 -46.64 10.25 6.60
C GLU A 37 -46.15 9.21 7.60
N MET A 38 -45.90 8.00 7.12
CA MET A 38 -45.23 6.98 7.92
C MET A 38 -43.72 7.17 7.90
N VAL A 39 -43.08 6.98 9.05
CA VAL A 39 -41.63 7.07 9.14
C VAL A 39 -41.05 5.97 10.02
N ALA A 40 -39.74 5.77 9.92
CA ALA A 40 -39.05 4.98 10.92
C ALA A 40 -38.19 5.90 11.76
N LEU A 41 -38.20 5.65 13.06
CA LEU A 41 -37.36 6.41 13.98
C LEU A 41 -36.27 5.52 14.54
N LYS A 42 -35.02 5.89 14.33
CA LYS A 42 -33.93 5.29 15.07
C LYS A 42 -33.57 6.21 16.24
N LYS A 43 -33.85 5.74 17.44
CA LYS A 43 -33.59 6.52 18.65
C LYS A 43 -32.09 6.50 19.00
N VAL A 44 -31.56 7.64 19.42
CA VAL A 44 -30.18 7.73 19.87
C VAL A 44 -30.12 8.13 21.34
N ARG A 45 -29.83 7.18 22.22
CA ARG A 45 -29.75 7.45 23.66
C ARG A 45 -28.42 8.18 23.91
N LEU A 46 -28.44 9.21 24.76
CA LEU A 46 -27.21 9.96 25.04
C LEU A 46 -26.63 9.92 26.46
N ASP A 47 -27.46 9.67 27.46
CA ASP A 47 -26.99 9.81 28.84
C ASP A 47 -26.26 8.56 29.34
N ASN A 48 -26.75 7.39 28.94
CA ASN A 48 -26.09 6.13 29.25
C ASN A 48 -24.60 6.11 28.89
N GLU A 49 -24.27 6.54 27.68
CA GLU A 49 -22.89 6.45 27.22
C GLU A 49 -22.25 7.79 27.46
N LYS A 50 -21.02 7.60 27.92
CA LYS A 50 -20.04 8.58 28.32
C LYS A 50 -19.06 9.17 27.29
N GLU A 51 -19.19 8.83 26.02
CA GLU A 51 -18.50 9.59 24.99
C GLU A 51 -19.62 10.27 24.17
N GLY A 52 -20.75 10.48 24.83
CA GLY A 52 -21.81 11.31 24.30
C GLY A 52 -22.50 10.74 23.08
N PHE A 53 -22.83 11.63 22.15
CA PHE A 53 -23.51 11.25 20.92
C PHE A 53 -22.65 10.23 20.18
N PRO A 54 -23.21 9.04 19.95
CA PRO A 54 -22.57 7.86 19.36
C PRO A 54 -21.91 8.09 18.02
N ILE A 55 -20.60 7.85 17.96
CA ILE A 55 -19.83 8.01 16.73
C ILE A 55 -20.40 7.20 15.56
N THR A 56 -21.10 6.10 15.86
CA THR A 56 -21.76 5.31 14.82
C THR A 56 -22.98 6.04 14.24
N ALA A 57 -23.74 6.74 15.09
CA ALA A 57 -24.84 7.51 14.57
C ALA A 57 -24.29 8.68 13.76
N ILE A 58 -23.17 9.21 14.21
CA ILE A 58 -22.51 10.31 13.51
C ILE A 58 -22.12 9.85 12.09
N ARG A 59 -21.57 8.65 12.00
CA ARG A 59 -21.23 8.05 10.71
C ARG A 59 -22.42 7.93 9.75
N GLU A 60 -23.51 7.30 10.20
CA GLU A 60 -24.71 7.19 9.38
C GLU A 60 -25.21 8.55 8.92
N ILE A 61 -25.23 9.50 9.85
CA ILE A 61 -25.66 10.84 9.48
C ILE A 61 -24.75 11.47 8.44
N LYS A 62 -23.43 11.38 8.62
CA LYS A 62 -22.53 12.05 7.67
C LYS A 62 -22.66 11.45 6.27
N ILE A 63 -22.69 10.12 6.18
CA ILE A 63 -22.71 9.46 4.88
C ILE A 63 -24.10 9.53 4.20
N LEU A 64 -25.15 9.25 4.96
CA LEU A 64 -26.50 9.27 4.38
C LEU A 64 -26.86 10.63 3.79
N ARG A 65 -26.31 11.71 4.35
CA ARG A 65 -26.61 13.05 3.86
C ARG A 65 -25.94 13.32 2.52
N GLN A 66 -24.85 12.59 2.23
CA GLN A 66 -24.17 12.74 0.95
C GLN A 66 -24.79 11.89 -0.15
N LEU A 67 -25.54 10.85 0.25
CA LEU A 67 -26.10 9.91 -0.70
C LEU A 67 -27.57 10.16 -1.00
N THR A 68 -27.88 10.42 -2.27
CA THR A 68 -29.26 10.57 -2.68
C THR A 68 -29.56 9.73 -3.90
N HIS A 69 -30.31 8.65 -3.71
CA HIS A 69 -30.64 7.70 -4.76
C HIS A 69 -31.89 6.93 -4.40
N GLN A 70 -32.66 6.54 -5.41
CA GLN A 70 -33.97 5.93 -5.19
C GLN A 70 -33.87 4.55 -4.57
N SER A 71 -32.67 3.97 -4.58
CA SER A 71 -32.50 2.64 -4.01
C SER A 71 -31.59 2.64 -2.77
N ILE A 72 -31.41 3.82 -2.18
CA ILE A 72 -30.71 3.98 -0.90
C ILE A 72 -31.62 4.72 0.07
N ILE A 73 -31.72 4.20 1.30
CA ILE A 73 -32.66 4.77 2.28
C ILE A 73 -32.33 6.25 2.57
N ASN A 74 -33.39 7.03 2.65
CA ASN A 74 -33.36 8.47 2.84
C ASN A 74 -33.55 8.86 4.30
N MET A 75 -32.61 9.61 4.85
CA MET A 75 -32.79 10.19 6.18
C MET A 75 -33.48 11.53 6.05
N LYS A 76 -34.74 11.59 6.49
CA LYS A 76 -35.64 12.74 6.32
C LYS A 76 -35.28 13.94 7.18
N GLU A 77 -35.01 13.66 8.46
CA GLU A 77 -34.72 14.71 9.43
C GLU A 77 -34.29 14.06 10.74
N ILE A 78 -33.98 14.91 11.70
CA ILE A 78 -33.60 14.48 13.04
C ILE A 78 -34.39 15.30 14.05
N VAL A 79 -34.96 14.65 15.04
CA VAL A 79 -35.80 15.35 15.98
C VAL A 79 -35.35 14.99 17.39
N THR A 80 -35.88 15.69 18.39
CA THR A 80 -35.46 15.41 19.75
C THR A 80 -36.60 15.23 20.75
N ASP A 81 -36.26 14.67 21.90
CA ASP A 81 -37.18 14.56 22.99
C ASP A 81 -37.10 16.01 23.37
N LYS A 82 -38.20 16.73 23.42
CA LYS A 82 -38.11 18.13 23.77
C LYS A 82 -38.55 18.33 25.16
N GLU A 83 -37.65 18.81 25.99
CA GLU A 83 -38.06 19.01 27.38
C GLU A 83 -37.09 19.93 28.12
N GLY A 93 -32.26 13.58 27.42
CA GLY A 93 -33.00 13.99 26.24
C GLY A 93 -32.37 13.40 24.99
N ALA A 94 -33.06 12.45 24.36
CA ALA A 94 -32.49 11.72 23.22
C ALA A 94 -32.85 12.35 21.88
N PHE A 95 -32.08 11.95 20.86
CA PHE A 95 -32.35 12.34 19.47
C PHE A 95 -32.99 11.17 18.71
N TYR A 96 -33.71 11.48 17.62
CA TYR A 96 -34.30 10.43 16.80
C TYR A 96 -33.97 10.68 15.33
N LEU A 97 -33.28 9.73 14.69
CA LEU A 97 -33.06 9.79 13.26
C LEU A 97 -34.36 9.35 12.53
N VAL A 98 -34.85 10.18 11.62
CA VAL A 98 -36.13 9.91 10.93
C VAL A 98 -35.95 9.41 9.48
N PHE A 99 -36.45 8.20 9.18
CA PHE A 99 -36.37 7.69 7.82
C PHE A 99 -37.74 7.43 7.21
N GLU A 100 -37.79 7.35 5.88
CA GLU A 100 -39.00 6.89 5.22
C GLU A 100 -39.31 5.51 5.76
N TYR A 101 -40.58 5.23 6.01
CA TYR A 101 -40.96 3.95 6.57
C TYR A 101 -40.95 2.87 5.48
N MET A 102 -40.28 1.75 5.78
CA MET A 102 -40.20 0.63 4.87
C MET A 102 -40.89 -0.54 5.53
N ASP A 103 -41.88 -1.10 4.86
CA ASP A 103 -42.78 -2.08 5.48
C ASP A 103 -42.10 -3.39 5.89
N HIS A 104 -40.97 -3.70 5.27
CA HIS A 104 -40.31 -4.98 5.48
C HIS A 104 -38.81 -4.85 5.36
N ASP A 105 -38.12 -5.89 5.77
CA ASP A 105 -36.76 -6.10 5.30
C ASP A 105 -36.69 -7.54 4.78
N LEU A 106 -35.62 -7.86 4.05
CA LEU A 106 -35.56 -9.14 3.36
C LEU A 106 -35.42 -10.32 4.32
N MET A 107 -34.75 -10.12 5.46
CA MET A 107 -34.56 -11.22 6.40
C MET A 107 -35.91 -11.66 6.95
N GLY A 108 -36.73 -10.66 7.27
CA GLY A 108 -38.03 -10.90 7.83
C GLY A 108 -38.96 -11.60 6.86
N LEU A 109 -39.07 -11.06 5.65
CA LEU A 109 -39.93 -11.64 4.64
C LEU A 109 -39.57 -13.10 4.41
N LEU A 110 -38.29 -13.36 4.18
CA LEU A 110 -37.81 -14.70 3.90
C LEU A 110 -38.16 -15.70 4.99
N GLU A 111 -38.04 -15.27 6.24
CA GLU A 111 -38.25 -16.21 7.34
C GLU A 111 -39.71 -16.20 7.76
N SER A 112 -40.51 -15.39 7.08
CA SER A 112 -41.94 -15.36 7.36
C SER A 112 -42.61 -16.55 6.68
N GLY A 113 -42.29 -16.75 5.40
CA GLY A 113 -42.98 -17.75 4.60
C GLY A 113 -44.36 -17.28 4.24
N LEU A 114 -44.49 -15.98 3.99
CA LEU A 114 -45.78 -15.40 3.64
C LEU A 114 -45.78 -14.95 2.19
N VAL A 115 -44.63 -15.09 1.54
CA VAL A 115 -44.48 -14.64 0.16
C VAL A 115 -43.58 -15.61 -0.60
N HIS A 116 -43.74 -15.62 -1.92
CA HIS A 116 -42.82 -16.34 -2.80
C HIS A 116 -42.17 -15.41 -3.82
N PHE A 117 -40.85 -15.42 -3.86
CA PHE A 117 -40.14 -14.64 -4.86
C PHE A 117 -39.76 -15.55 -6.03
N ASN A 118 -40.42 -15.36 -7.17
CA ASN A 118 -40.04 -16.03 -8.41
C ASN A 118 -38.93 -15.26 -9.11
N GLU A 119 -38.49 -15.76 -10.25
CA GLU A 119 -37.40 -15.17 -11.02
C GLU A 119 -37.60 -13.68 -11.31
N ASN A 120 -38.84 -13.29 -11.58
CA ASN A 120 -39.10 -11.91 -11.98
C ASN A 120 -39.04 -10.93 -10.80
N HIS A 121 -39.37 -11.42 -9.61
CA HIS A 121 -39.22 -10.62 -8.38
C HIS A 121 -37.74 -10.43 -8.09
N ILE A 122 -37.01 -11.52 -8.27
CA ILE A 122 -35.57 -11.55 -8.07
C ILE A 122 -34.88 -10.63 -9.08
N LYS A 123 -35.32 -10.71 -10.33
CA LYS A 123 -34.88 -9.78 -11.38
C LYS A 123 -34.95 -8.34 -10.90
N SER A 124 -36.13 -7.96 -10.41
CA SER A 124 -36.36 -6.60 -9.94
C SER A 124 -35.54 -6.21 -8.70
N PHE A 125 -35.53 -7.07 -7.68
CA PHE A 125 -34.81 -6.79 -6.44
C PHE A 125 -33.34 -6.57 -6.74
N MET A 126 -32.75 -7.50 -7.49
CA MET A 126 -31.34 -7.43 -7.78
C MET A 126 -31.04 -6.22 -8.64
N ARG A 127 -31.91 -5.90 -9.60
CA ARG A 127 -31.70 -4.71 -10.42
C ARG A 127 -31.60 -3.46 -9.54
N GLN A 128 -32.54 -3.31 -8.61
CA GLN A 128 -32.59 -2.14 -7.73
C GLN A 128 -31.42 -2.09 -6.75
N LEU A 129 -31.14 -3.21 -6.13
CA LEU A 129 -30.04 -3.31 -5.18
C LEU A 129 -28.72 -2.97 -5.87
N MET A 130 -28.56 -3.45 -7.10
CA MET A 130 -27.32 -3.21 -7.84
C MET A 130 -27.18 -1.76 -8.28
N GLU A 131 -28.29 -1.10 -8.63
CA GLU A 131 -28.21 0.31 -9.03
C GLU A 131 -27.83 1.17 -7.84
N GLY A 132 -28.37 0.82 -6.66
CA GLY A 132 -28.00 1.51 -5.44
C GLY A 132 -26.50 1.27 -5.12
N LEU A 133 -26.05 0.02 -5.24
CA LEU A 133 -24.66 -0.25 -4.84
C LEU A 133 -23.70 0.44 -5.80
N ASP A 134 -24.06 0.46 -7.08
CA ASP A 134 -23.25 1.13 -8.11
C ASP A 134 -23.14 2.62 -7.84
N TYR A 135 -24.27 3.22 -7.51
CA TYR A 135 -24.29 4.63 -7.14
C TYR A 135 -23.41 4.82 -5.93
N CYS A 136 -23.57 3.92 -4.96
CA CYS A 136 -22.85 4.03 -3.72
C CYS A 136 -21.37 3.76 -3.97
N HIS A 137 -21.03 2.90 -4.92
CA HIS A 137 -19.62 2.67 -5.21
C HIS A 137 -19.01 3.79 -6.04
N LYS A 138 -19.79 4.37 -6.95
CA LYS A 138 -19.28 5.44 -7.81
C LYS A 138 -19.21 6.76 -7.04
N LYS A 139 -19.77 6.78 -5.85
CA LYS A 139 -19.58 7.89 -4.96
C LYS A 139 -18.56 7.00 -4.29
N ASN A 140 -17.50 7.51 -3.72
CA ASN A 140 -16.49 6.61 -3.20
C ASN A 140 -16.69 6.07 -1.82
N PHE A 141 -17.75 5.30 -1.71
CA PHE A 141 -18.15 4.61 -0.48
C PHE A 141 -18.28 3.08 -0.63
N LEU A 142 -17.76 2.36 0.35
CA LEU A 142 -18.04 0.93 0.58
C LEU A 142 -19.15 0.80 1.65
N HIS A 143 -20.01 -0.19 1.52
CA HIS A 143 -21.08 -0.36 2.52
C HIS A 143 -20.59 -1.21 3.70
N ARG A 144 -20.00 -2.36 3.37
CA ARG A 144 -19.34 -3.24 4.32
C ARG A 144 -20.27 -3.97 5.32
N ASP A 145 -21.58 -3.95 5.11
CA ASP A 145 -22.45 -4.74 5.97
C ASP A 145 -23.70 -5.16 5.22
N ILE A 146 -23.51 -5.52 3.96
CA ILE A 146 -24.64 -5.98 3.17
C ILE A 146 -25.04 -7.35 3.68
N LYS A 147 -26.33 -7.48 4.02
CA LYS A 147 -26.95 -8.75 4.38
C LYS A 147 -28.46 -8.50 4.34
N CYS A 148 -29.27 -9.54 4.48
CA CYS A 148 -30.69 -9.43 4.18
C CYS A 148 -31.43 -8.45 5.13
N SER A 149 -31.10 -8.46 6.42
CA SER A 149 -31.80 -7.56 7.36
C SER A 149 -31.51 -6.10 7.07
N ASN A 150 -30.50 -5.84 6.22
CA ASN A 150 -30.11 -4.47 5.90
C ASN A 150 -30.58 -4.05 4.52
N ILE A 151 -31.45 -4.87 3.92
CA ILE A 151 -32.12 -4.54 2.69
C ILE A 151 -33.63 -4.43 2.96
N LEU A 152 -34.15 -3.20 2.84
CA LEU A 152 -35.56 -2.92 3.16
C LEU A 152 -36.39 -2.99 1.90
N LEU A 153 -37.68 -3.31 2.03
CA LEU A 153 -38.59 -3.39 0.89
C LEU A 153 -39.97 -2.83 1.31
N ASN A 154 -40.49 -1.85 0.58
CA ASN A 154 -41.83 -1.32 0.90
C ASN A 154 -42.90 -2.08 0.16
N ASN A 155 -44.17 -1.81 0.49
CA ASN A 155 -45.23 -2.59 -0.12
C ASN A 155 -45.41 -2.27 -1.60
N ARG A 156 -44.86 -1.14 -2.04
CA ARG A 156 -44.84 -0.83 -3.46
C ARG A 156 -43.81 -1.68 -4.21
N GLY A 157 -42.96 -2.40 -3.48
CA GLY A 157 -42.01 -3.32 -4.09
C GLY A 157 -40.67 -2.66 -4.34
N GLN A 158 -40.44 -1.52 -3.70
CA GLN A 158 -39.22 -0.77 -3.91
C GLN A 158 -38.12 -1.17 -2.90
N ILE A 159 -36.96 -1.52 -3.42
CA ILE A 159 -35.78 -1.86 -2.61
C ILE A 159 -35.00 -0.61 -2.18
N LYS A 160 -34.65 -0.54 -0.89
CA LYS A 160 -33.65 0.41 -0.46
C LYS A 160 -32.57 -0.27 0.39
N LEU A 161 -31.32 0.01 0.02
CA LEU A 161 -30.16 -0.43 0.80
C LEU A 161 -30.04 0.43 2.05
N ALA A 162 -29.80 -0.17 3.20
CA ALA A 162 -29.89 0.56 4.47
C ALA A 162 -28.79 0.12 5.44
N ASP A 163 -28.77 0.77 6.61
CA ASP A 163 -27.75 0.53 7.64
C ASP A 163 -26.28 0.92 7.53
N PHE A 164 -26.05 2.17 7.13
CA PHE A 164 -24.76 2.65 6.67
C PHE A 164 -23.77 2.84 7.80
N GLY A 165 -24.07 2.23 8.94
CA GLY A 165 -23.28 2.39 10.15
C GLY A 165 -21.82 1.91 10.02
N LEU A 166 -21.53 1.06 9.04
CA LEU A 166 -20.15 0.55 8.86
C LEU A 166 -19.52 1.01 7.56
N ALA A 167 -20.21 1.89 6.83
CA ALA A 167 -19.68 2.39 5.59
C ALA A 167 -18.46 3.28 5.85
N ARG A 168 -17.66 3.52 4.81
CA ARG A 168 -16.54 4.46 4.89
C ARG A 168 -16.11 4.87 3.49
N LEU A 169 -15.43 6.02 3.39
CA LEU A 169 -14.78 6.44 2.16
C LEU A 169 -13.68 5.47 1.79
N TYR A 170 -13.51 5.23 0.49
CA TYR A 170 -12.33 4.51 0.01
C TYR A 170 -11.69 5.30 -1.12
N SER A 171 -10.39 5.12 -1.28
CA SER A 171 -9.64 5.78 -2.33
C SER A 171 -9.67 4.93 -3.59
N SER A 172 -10.04 5.55 -4.71
CA SER A 172 -9.98 4.84 -5.97
C SER A 172 -8.80 5.30 -6.82
N GLU A 173 -8.10 6.33 -6.35
CA GLU A 173 -6.82 6.74 -6.92
C GLU A 173 -5.65 6.01 -6.26
N GLU A 174 -5.54 6.16 -4.94
CA GLU A 174 -4.51 5.47 -4.18
C GLU A 174 -5.04 4.17 -3.60
N SER A 175 -4.15 3.43 -2.95
CA SER A 175 -4.54 2.20 -2.28
C SER A 175 -4.06 2.22 -0.85
N ARG A 176 -4.98 2.44 0.07
CA ARG A 176 -4.65 2.55 1.48
C ARG A 176 -5.40 1.49 2.28
N PRO A 177 -4.97 1.20 3.52
CA PRO A 177 -5.51 0.05 4.26
C PRO A 177 -6.77 0.38 5.07
N TYR A 178 -7.69 -0.59 5.15
CA TYR A 178 -8.96 -0.41 5.87
C TYR A 178 -9.16 -1.54 6.88
N ASN A 180 -10.29 -4.87 8.68
CA ASN A 180 -10.49 -6.22 8.12
C ASN A 180 -11.81 -6.88 8.53
N LYS A 181 -12.15 -6.84 9.81
CA LYS A 181 -13.40 -7.42 10.29
C LYS A 181 -14.58 -6.49 10.03
N VAL A 182 -15.25 -6.61 8.88
CA VAL A 182 -16.30 -5.65 8.55
C VAL A 182 -17.70 -6.18 8.16
N ILE A 183 -17.75 -7.19 7.32
CA ILE A 183 -19.03 -7.78 6.88
C ILE A 183 -19.38 -8.93 7.84
N THR A 184 -20.67 -9.17 8.10
CA THR A 184 -21.06 -10.32 8.90
C THR A 184 -20.54 -11.60 8.20
N LEU A 185 -20.21 -12.62 8.98
CA LEU A 185 -19.44 -13.78 8.52
C LEU A 185 -20.03 -14.54 7.32
N TRP A 186 -21.32 -14.84 7.38
CA TRP A 186 -21.97 -15.61 6.33
C TRP A 186 -21.96 -14.90 4.97
N TYR A 187 -21.66 -13.62 4.98
CA TYR A 187 -21.66 -12.81 3.77
C TYR A 187 -20.27 -12.22 3.50
N ARG A 188 -19.28 -12.66 4.27
CA ARG A 188 -17.93 -12.14 4.16
C ARG A 188 -17.13 -12.90 3.10
N PRO A 189 -16.55 -12.18 2.15
CA PRO A 189 -15.70 -12.65 1.02
C PRO A 189 -14.35 -13.30 1.43
N PRO A 190 -13.81 -14.20 0.56
CA PRO A 190 -12.57 -14.96 0.82
C PRO A 190 -11.35 -14.10 1.12
N GLU A 191 -11.18 -12.98 0.44
CA GLU A 191 -10.01 -12.15 0.68
C GLU A 191 -10.00 -11.58 2.10
N LEU A 192 -11.17 -11.20 2.62
CA LEU A 192 -11.22 -10.76 4.01
C LEU A 192 -10.86 -11.91 4.94
N LEU A 193 -11.43 -13.09 4.68
CA LEU A 193 -11.23 -14.24 5.54
C LEU A 193 -9.74 -14.64 5.56
N LEU A 194 -9.01 -14.30 4.49
CA LEU A 194 -7.58 -14.60 4.43
C LEU A 194 -6.73 -13.44 4.89
N GLY A 195 -7.40 -12.36 5.31
CA GLY A 195 -6.74 -11.25 5.97
C GLY A 195 -6.42 -10.00 5.18
N GLU A 196 -7.07 -9.79 4.04
CA GLU A 196 -6.79 -8.58 3.26
C GLU A 196 -7.17 -7.32 4.02
N GLU A 197 -6.32 -6.28 3.94
CA GLU A 197 -6.68 -4.98 4.49
C GLU A 197 -6.75 -3.90 3.42
N ARG A 198 -6.16 -4.15 2.28
CA ARG A 198 -6.23 -3.18 1.19
C ARG A 198 -7.23 -3.67 0.18
N TYR A 199 -8.49 -3.71 0.60
CA TYR A 199 -9.52 -4.32 -0.24
C TYR A 199 -10.26 -3.28 -1.06
N THR A 200 -11.19 -3.76 -1.86
CA THR A 200 -11.85 -2.97 -2.89
C THR A 200 -13.36 -3.02 -2.71
N PRO A 201 -14.12 -2.29 -3.54
CA PRO A 201 -15.58 -2.48 -3.48
C PRO A 201 -16.03 -3.88 -3.87
N ALA A 202 -15.13 -4.72 -4.37
CA ALA A 202 -15.49 -6.09 -4.68
C ALA A 202 -16.02 -6.85 -3.46
N ILE A 203 -15.75 -6.37 -2.25
CA ILE A 203 -16.20 -7.09 -1.08
C ILE A 203 -17.74 -6.96 -0.94
N ASP A 204 -18.30 -5.86 -1.44
CA ASP A 204 -19.76 -5.65 -1.38
C ASP A 204 -20.49 -6.49 -2.44
N VAL A 205 -19.83 -6.68 -3.59
CA VAL A 205 -20.40 -7.49 -4.65
C VAL A 205 -20.49 -8.94 -4.19
N TRP A 206 -19.48 -9.44 -3.46
CA TRP A 206 -19.52 -10.82 -2.94
C TRP A 206 -20.74 -11.02 -2.07
N SER A 207 -20.99 -10.04 -1.21
CA SER A 207 -22.14 -10.09 -0.31
C SER A 207 -23.43 -10.22 -1.09
N CYS A 208 -23.58 -9.41 -2.13
CA CYS A 208 -24.81 -9.39 -2.92
C CYS A 208 -25.00 -10.72 -3.64
N GLY A 209 -23.88 -11.33 -4.05
CA GLY A 209 -23.88 -12.65 -4.66
C GLY A 209 -24.46 -13.69 -3.73
N CYS A 210 -24.11 -13.57 -2.45
CA CYS A 210 -24.73 -14.40 -1.42
C CYS A 210 -26.24 -14.11 -1.31
N ILE A 211 -26.64 -12.84 -1.42
CA ILE A 211 -28.08 -12.47 -1.36
C ILE A 211 -28.82 -13.18 -2.50
N LEU A 212 -28.24 -13.07 -3.70
CA LEU A 212 -28.80 -13.65 -4.92
C LEU A 212 -29.09 -15.16 -4.79
N GLY A 213 -28.11 -15.88 -4.25
CA GLY A 213 -28.30 -17.30 -3.98
C GLY A 213 -29.38 -17.49 -2.93
N GLU A 214 -29.35 -16.62 -1.92
CA GLU A 214 -30.23 -16.82 -0.78
C GLU A 214 -31.69 -16.56 -1.17
N LEU A 215 -31.89 -15.74 -2.19
CA LEU A 215 -33.24 -15.49 -2.74
C LEU A 215 -33.77 -16.68 -3.53
N PHE A 216 -32.86 -17.50 -4.07
CA PHE A 216 -33.30 -18.66 -4.85
C PHE A 216 -33.49 -19.90 -3.97
N THR A 217 -32.66 -20.00 -2.94
CA THR A 217 -32.79 -21.05 -1.95
C THR A 217 -33.53 -20.50 -0.74
N LYS A 218 -33.74 -21.34 0.28
CA LYS A 218 -34.45 -20.88 1.46
C LYS A 218 -33.56 -20.04 2.39
N LYS A 219 -32.37 -20.57 2.69
CA LYS A 219 -31.51 -20.02 3.74
C LYS A 219 -30.25 -19.35 3.17
N PRO A 220 -29.46 -18.66 4.01
CA PRO A 220 -28.15 -18.20 3.55
C PRO A 220 -27.30 -19.35 3.04
N ILE A 221 -26.46 -19.09 2.04
CA ILE A 221 -25.77 -20.16 1.31
C ILE A 221 -24.45 -20.66 1.94
N PHE A 222 -23.82 -19.87 2.80
CA PHE A 222 -22.59 -20.30 3.48
C PHE A 222 -22.65 -20.03 4.98
N GLN A 223 -23.01 -21.03 5.77
CA GLN A 223 -23.19 -20.83 7.22
C GLN A 223 -22.23 -21.63 8.11
N ALA A 224 -21.26 -20.93 8.70
CA ALA A 224 -20.38 -21.51 9.71
C ALA A 224 -20.25 -20.54 10.89
N ASN A 225 -19.59 -20.96 11.95
CA ASN A 225 -19.52 -20.14 13.16
C ASN A 225 -18.12 -19.60 13.44
N GLN A 226 -17.14 -20.07 12.67
CA GLN A 226 -15.78 -19.56 12.78
C GLN A 226 -15.23 -19.29 11.38
N GLU A 227 -14.23 -18.42 11.31
CA GLU A 227 -13.67 -18.00 10.02
C GLU A 227 -13.07 -19.15 9.23
N LEU A 228 -12.39 -20.07 9.94
CA LEU A 228 -11.75 -21.20 9.27
C LEU A 228 -12.80 -22.12 8.65
N ALA A 229 -13.81 -22.45 9.43
CA ALA A 229 -14.90 -23.31 8.95
C ALA A 229 -15.67 -22.64 7.80
N GLN A 230 -15.81 -21.32 7.89
CA GLN A 230 -16.50 -20.53 6.87
C GLN A 230 -15.77 -20.57 5.53
N LEU A 231 -14.47 -20.32 5.57
CA LEU A 231 -13.64 -20.44 4.37
C LEU A 231 -13.71 -21.84 3.79
N GLU A 232 -13.76 -22.84 4.65
CA GLU A 232 -13.91 -24.23 4.22
C GLU A 232 -15.21 -24.44 3.43
N LEU A 233 -16.32 -23.99 4.00
CA LEU A 233 -17.63 -24.08 3.36
C LEU A 233 -17.66 -23.42 1.98
N ILE A 234 -17.15 -22.19 1.92
CA ILE A 234 -16.96 -21.46 0.66
C ILE A 234 -16.15 -22.30 -0.35
N SER A 235 -15.01 -22.80 0.10
CA SER A 235 -14.10 -23.56 -0.75
C SER A 235 -14.72 -24.83 -1.31
N ARG A 236 -15.55 -25.49 -0.51
CA ARG A 236 -16.13 -26.77 -0.92
C ARG A 236 -17.19 -26.59 -2.01
N ILE A 237 -17.52 -25.34 -2.32
CA ILE A 237 -18.48 -25.04 -3.37
C ILE A 237 -17.88 -24.16 -4.46
N CYS A 238 -17.09 -23.16 -4.05
CA CYS A 238 -16.55 -22.19 -4.99
C CYS A 238 -15.18 -22.58 -5.50
N GLY A 239 -14.62 -23.66 -4.96
CA GLY A 239 -13.26 -24.06 -5.29
C GLY A 239 -12.28 -23.52 -4.27
N SER A 240 -11.18 -24.23 -4.06
CA SER A 240 -10.16 -23.77 -3.13
C SER A 240 -9.44 -22.55 -3.69
N PRO A 241 -9.09 -21.59 -2.81
CA PRO A 241 -8.24 -20.50 -3.24
C PRO A 241 -6.85 -21.03 -3.67
N CYS A 242 -6.40 -20.68 -4.86
CA CYS A 242 -5.12 -21.17 -5.37
C CYS A 242 -4.67 -20.23 -6.49
N PRO A 243 -3.35 -20.17 -6.74
CA PRO A 243 -2.83 -19.19 -7.70
C PRO A 243 -3.37 -19.36 -9.11
N ALA A 244 -3.78 -20.58 -9.47
CA ALA A 244 -4.25 -20.86 -10.81
C ALA A 244 -5.51 -20.02 -11.14
N VAL A 245 -6.35 -19.80 -10.13
CA VAL A 245 -7.54 -18.95 -10.31
C VAL A 245 -7.39 -17.58 -9.68
N TRP A 246 -6.32 -17.40 -8.91
CA TRP A 246 -6.17 -16.22 -8.05
C TRP A 246 -4.70 -16.04 -7.71
N PRO A 247 -3.93 -15.53 -8.68
CA PRO A 247 -2.46 -15.46 -8.54
C PRO A 247 -2.04 -14.72 -7.27
N ASP A 248 -2.71 -13.61 -6.95
CA ASP A 248 -2.35 -12.78 -5.81
C ASP A 248 -2.67 -13.39 -4.44
N VAL A 249 -3.27 -14.57 -4.44
CA VAL A 249 -3.70 -15.19 -3.20
C VAL A 249 -2.54 -15.49 -2.25
N ILE A 250 -1.35 -15.69 -2.79
CA ILE A 250 -0.18 -16.06 -2.00
C ILE A 250 0.35 -14.87 -1.19
N LYS A 251 -0.04 -13.67 -1.60
CA LYS A 251 0.33 -12.42 -0.95
C LYS A 251 -0.56 -12.09 0.26
N LEU A 252 -1.49 -13.00 0.59
CA LEU A 252 -2.40 -12.81 1.70
C LEU A 252 -1.89 -13.49 2.96
N PRO A 253 -1.90 -12.75 4.08
CA PRO A 253 -1.45 -13.14 5.42
C PRO A 253 -1.81 -14.55 5.88
N TYR A 254 -3.02 -15.00 5.59
CA TYR A 254 -3.48 -16.26 6.18
C TYR A 254 -3.64 -17.39 5.17
N PHE A 255 -3.09 -17.21 3.97
CA PHE A 255 -3.27 -18.21 2.94
C PHE A 255 -2.71 -19.56 3.36
N ASN A 256 -1.51 -19.55 3.93
CA ASN A 256 -0.88 -20.80 4.34
C ASN A 256 -1.53 -21.43 5.57
N THR A 257 -1.90 -20.61 6.54
CA THR A 257 -2.46 -21.13 7.80
C THR A 257 -3.93 -21.55 7.68
N MET A 258 -4.64 -21.04 6.69
CA MET A 258 -6.06 -21.30 6.57
C MET A 258 -6.45 -22.13 5.34
N LYS A 259 -5.49 -22.80 4.70
CA LYS A 259 -5.82 -23.70 3.59
C LYS A 259 -6.89 -24.70 4.02
N PRO A 260 -7.96 -24.82 3.22
CA PRO A 260 -9.06 -25.77 3.49
C PRO A 260 -8.58 -27.22 3.50
N LYS A 261 -9.48 -28.14 3.84
CA LYS A 261 -9.15 -29.56 3.90
C LYS A 261 -8.53 -30.09 2.61
N LYS A 262 -9.19 -29.84 1.48
CA LYS A 262 -8.71 -30.27 0.17
C LYS A 262 -8.45 -29.09 -0.75
N GLN A 263 -7.89 -29.37 -1.93
CA GLN A 263 -7.98 -28.41 -3.03
C GLN A 263 -9.22 -28.66 -3.88
N TYR A 264 -10.37 -28.17 -3.42
CA TYR A 264 -11.63 -28.45 -4.10
C TYR A 264 -11.68 -27.76 -5.45
N ARG A 265 -12.25 -28.45 -6.43
CA ARG A 265 -12.58 -27.83 -7.71
C ARG A 265 -13.94 -27.15 -7.59
N ARG A 266 -14.11 -26.03 -8.27
CA ARG A 266 -15.35 -25.27 -8.27
C ARG A 266 -16.49 -26.15 -8.77
N LYS A 267 -17.61 -26.11 -8.06
CA LYS A 267 -18.76 -26.92 -8.41
C LYS A 267 -20.06 -26.11 -8.21
N LEU A 268 -19.93 -24.80 -8.33
CA LEU A 268 -21.02 -23.85 -8.12
C LEU A 268 -22.21 -24.10 -9.07
N ARG A 269 -21.91 -24.38 -10.34
CA ARG A 269 -22.97 -24.51 -11.35
C ARG A 269 -23.68 -25.85 -11.21
N GLU A 270 -23.10 -26.70 -10.37
CA GLU A 270 -23.63 -28.03 -10.12
C GLU A 270 -24.49 -27.99 -8.87
N GLU A 271 -23.95 -27.36 -7.84
CA GLU A 271 -24.56 -27.40 -6.52
C GLU A 271 -25.81 -26.51 -6.55
N PHE A 272 -25.89 -25.62 -7.54
CA PHE A 272 -27.07 -24.75 -7.72
C PHE A 272 -27.70 -24.84 -9.13
N VAL A 273 -27.90 -26.05 -9.63
CA VAL A 273 -28.39 -26.23 -10.99
C VAL A 273 -29.87 -25.86 -11.14
N PHE A 274 -30.56 -25.73 -10.00
CA PHE A 274 -31.96 -25.28 -9.99
C PHE A 274 -32.08 -23.81 -10.40
N ILE A 275 -31.03 -23.03 -10.17
CA ILE A 275 -31.05 -21.63 -10.57
C ILE A 275 -31.03 -21.53 -12.09
N PRO A 276 -31.93 -20.69 -12.67
CA PRO A 276 -31.99 -20.41 -14.11
C PRO A 276 -30.63 -19.99 -14.69
N ALA A 277 -30.47 -20.18 -16.00
CA ALA A 277 -29.17 -19.97 -16.66
C ALA A 277 -28.62 -18.54 -16.53
N ALA A 278 -29.41 -17.55 -16.92
CA ALA A 278 -28.95 -16.16 -16.88
C ALA A 278 -28.54 -15.75 -15.45
N ALA A 279 -29.38 -16.13 -14.49
CA ALA A 279 -29.14 -15.89 -13.08
C ALA A 279 -27.88 -16.57 -12.59
N LEU A 280 -27.74 -17.84 -12.98
CA LEU A 280 -26.58 -18.64 -12.56
C LEU A 280 -25.28 -18.02 -13.05
N ASP A 281 -25.26 -17.50 -14.27
CA ASP A 281 -24.09 -16.82 -14.82
C ASP A 281 -23.72 -15.61 -13.95
N LEU A 282 -24.72 -14.85 -13.54
CA LEU A 282 -24.47 -13.72 -12.66
C LEU A 282 -23.92 -14.18 -11.32
N PHE A 283 -24.60 -15.17 -10.74
CA PHE A 283 -24.21 -15.78 -9.48
C PHE A 283 -22.73 -16.19 -9.47
N ASP A 284 -22.36 -16.96 -10.49
CA ASP A 284 -20.98 -17.38 -10.75
C ASP A 284 -20.05 -16.19 -10.76
N TYR A 285 -20.42 -15.18 -11.54
CA TYR A 285 -19.55 -14.04 -11.78
C TYR A 285 -19.37 -13.18 -10.50
N MET A 286 -20.44 -13.10 -9.70
CA MET A 286 -20.37 -12.36 -8.43
C MET A 286 -19.58 -13.10 -7.37
N LEU A 287 -19.53 -14.43 -7.47
CA LEU A 287 -18.81 -15.25 -6.49
C LEU A 287 -17.43 -15.73 -7.02
N ALA A 288 -16.79 -14.93 -7.83
CA ALA A 288 -15.39 -15.22 -8.19
C ALA A 288 -14.50 -15.09 -6.95
N LEU A 289 -13.67 -16.08 -6.68
CA LEU A 289 -12.78 -15.99 -5.51
C LEU A 289 -11.86 -14.78 -5.61
N ASP A 290 -11.27 -14.58 -6.78
CA ASP A 290 -10.35 -13.47 -7.01
C ASP A 290 -11.15 -12.20 -7.23
N PRO A 291 -11.04 -11.23 -6.29
CA PRO A 291 -11.81 -9.98 -6.35
C PRO A 291 -11.59 -9.23 -7.65
N SER A 292 -10.44 -9.40 -8.27
CA SER A 292 -10.14 -8.74 -9.53
C SER A 292 -10.88 -9.41 -10.69
N LYS A 293 -11.33 -10.64 -10.49
CA LYS A 293 -12.13 -11.33 -11.51
C LYS A 293 -13.65 -11.17 -11.24
N ARG A 294 -14.00 -10.66 -10.07
CA ARG A 294 -15.40 -10.50 -9.66
C ARG A 294 -16.04 -9.31 -10.39
N CYS A 295 -17.27 -9.45 -10.87
CA CYS A 295 -17.91 -8.34 -11.57
C CYS A 295 -18.04 -7.10 -10.66
N THR A 296 -17.99 -5.93 -11.27
CA THR A 296 -18.35 -4.70 -10.58
C THR A 296 -19.90 -4.58 -10.55
N ALA A 297 -20.41 -3.65 -9.74
CA ALA A 297 -21.85 -3.41 -9.72
C ALA A 297 -22.30 -3.02 -11.11
N GLU A 298 -21.50 -2.20 -11.79
CA GLU A 298 -21.79 -1.77 -13.15
C GLU A 298 -21.84 -2.97 -14.09
N GLN A 299 -20.96 -3.93 -13.88
CA GLN A 299 -20.90 -5.11 -14.75
C GLN A 299 -22.06 -6.06 -14.48
N ALA A 300 -22.45 -6.19 -13.21
CA ALA A 300 -23.60 -7.01 -12.85
C ALA A 300 -24.82 -6.52 -13.61
N LEU A 301 -24.90 -5.21 -13.79
CA LEU A 301 -26.03 -4.56 -14.44
C LEU A 301 -26.01 -4.64 -15.96
N GLN A 302 -24.87 -4.98 -16.52
CA GLN A 302 -24.76 -5.17 -17.96
C GLN A 302 -25.00 -6.63 -18.33
N CYS A 303 -25.00 -7.51 -17.34
CA CYS A 303 -25.24 -8.93 -17.56
C CYS A 303 -26.62 -9.21 -18.10
N GLU A 304 -26.79 -10.39 -18.68
CA GLU A 304 -28.02 -10.79 -19.32
C GLU A 304 -29.18 -10.76 -18.33
N PHE A 305 -28.93 -11.21 -17.11
CA PHE A 305 -29.98 -11.35 -16.12
C PHE A 305 -30.61 -10.01 -15.72
N LEU A 306 -29.90 -8.90 -15.86
CA LEU A 306 -30.42 -7.60 -15.37
C LEU A 306 -30.39 -6.47 -16.39
N ARG A 307 -29.68 -6.69 -17.50
CA ARG A 307 -29.44 -5.65 -18.50
C ARG A 307 -30.71 -4.91 -18.94
N ASP A 308 -31.75 -5.68 -19.21
CA ASP A 308 -32.97 -5.11 -19.79
C ASP A 308 -34.06 -4.87 -18.74
N VAL A 309 -33.78 -5.29 -17.52
CA VAL A 309 -34.79 -5.27 -16.46
C VAL A 309 -35.14 -3.86 -16.01
N GLU A 310 -36.43 -3.55 -16.11
CA GLU A 310 -36.97 -2.25 -15.73
C GLU A 310 -38.02 -2.39 -14.62
N PRO A 311 -37.57 -2.26 -13.36
CA PRO A 311 -38.35 -2.50 -12.12
C PRO A 311 -39.66 -1.71 -12.01
N SER A 312 -39.70 -0.53 -12.61
CA SER A 312 -40.88 0.32 -12.51
C SER A 312 -42.05 -0.23 -13.32
N LYS A 313 -41.73 -0.99 -14.37
CA LYS A 313 -42.75 -1.56 -15.23
C LYS A 313 -43.10 -3.00 -14.84
N MET A 314 -42.63 -3.42 -13.68
CA MET A 314 -42.90 -4.77 -13.20
C MET A 314 -43.79 -4.74 -11.95
N PRO A 315 -44.73 -5.70 -11.85
CA PRO A 315 -45.62 -5.75 -10.69
C PRO A 315 -44.91 -6.24 -9.43
N PRO A 316 -45.22 -5.64 -8.27
CA PRO A 316 -44.63 -6.08 -7.01
C PRO A 316 -45.10 -7.48 -6.64
N PRO A 317 -44.33 -8.23 -5.83
CA PRO A 317 -44.89 -9.51 -5.39
C PRO A 317 -46.04 -9.19 -4.45
N ASP A 318 -46.96 -10.11 -4.17
CA ASP A 318 -48.02 -9.71 -3.24
C ASP A 318 -47.50 -9.89 -1.82
N LEU A 319 -47.03 -8.77 -1.28
CA LEU A 319 -46.46 -8.72 0.04
C LEU A 319 -47.60 -8.62 1.03
N PRO A 320 -47.46 -9.22 2.22
CA PRO A 320 -48.50 -9.14 3.24
C PRO A 320 -48.75 -7.69 3.62
N LEU A 321 -49.95 -7.19 3.33
CA LEU A 321 -50.29 -5.81 3.64
C LEU A 321 -50.66 -5.66 5.12
N TRP A 322 -50.75 -6.79 5.81
CA TRP A 322 -51.27 -6.80 7.18
C TRP A 322 -50.20 -7.04 8.25
N GLN A 323 -48.97 -7.29 7.81
CA GLN A 323 -47.88 -7.65 8.71
C GLN A 323 -46.55 -7.11 8.22
N ASP A 324 -45.93 -6.23 8.99
CA ASP A 324 -44.63 -5.68 8.62
C ASP A 324 -43.52 -6.71 8.94
N CYS A 325 -42.98 -7.35 7.90
CA CYS A 325 -42.00 -8.42 8.11
C CYS A 325 -40.55 -7.90 8.23
N HIS A 326 -40.18 -7.55 9.47
CA HIS A 326 -38.84 -7.08 9.82
C HIS A 326 -38.14 -8.16 10.61
N GLU A 327 -36.81 -8.10 10.69
CA GLU A 327 -36.01 -9.10 11.40
C GLU A 327 -36.48 -9.39 12.83
N LEU A 328 -36.80 -8.34 13.58
CA LEU A 328 -37.19 -8.49 14.97
C LEU A 328 -38.48 -9.28 15.15
N TRP A 329 -39.49 -8.94 14.35
CA TRP A 329 -40.77 -9.62 14.42
C TRP A 329 -40.66 -11.11 14.13
N SER A 330 -39.80 -11.45 13.18
CA SER A 330 -39.62 -12.85 12.78
C SER A 330 -39.04 -13.75 13.87
N LYS A 331 -37.93 -13.32 14.49
CA LYS A 331 -37.26 -14.13 15.49
C LYS A 331 -38.03 -14.13 16.82
N LYS A 332 -38.92 -13.15 16.99
CA LYS A 332 -39.81 -13.16 18.14
C LYS A 332 -40.84 -14.29 18.07
N ARG A 333 -41.51 -14.44 16.93
CA ARG A 333 -42.52 -15.48 16.76
C ARG A 333 -41.87 -16.83 16.55
N LYS B 22 -29.00 21.24 2.03
CA LYS B 22 -28.00 21.84 2.90
C LYS B 22 -28.34 23.30 3.22
N PRO B 23 -28.08 23.71 4.48
CA PRO B 23 -28.30 25.09 4.92
C PRO B 23 -27.26 26.07 4.37
N CYS B 24 -27.49 27.36 4.56
CA CYS B 24 -26.54 28.38 4.17
C CYS B 24 -25.65 28.79 5.36
N TRP B 25 -24.33 28.72 5.16
CA TRP B 25 -23.39 29.02 6.24
C TRP B 25 -22.52 30.24 5.95
N TYR B 26 -23.03 31.18 5.16
CA TYR B 26 -22.24 32.37 4.83
C TYR B 26 -23.04 33.64 5.05
N TRP B 27 -22.39 34.58 5.72
CA TRP B 27 -22.98 35.86 6.10
C TRP B 27 -22.17 37.00 5.47
N ASP B 28 -22.80 38.16 5.26
CA ASP B 28 -22.11 39.37 4.83
C ASP B 28 -21.63 40.21 6.03
N LYS B 29 -20.97 41.34 5.76
CA LYS B 29 -20.48 42.22 6.81
C LYS B 29 -21.58 42.76 7.76
N LYS B 30 -22.75 43.07 7.21
CA LYS B 30 -23.85 43.59 8.02
C LYS B 30 -24.22 42.58 9.10
N ASP B 31 -24.45 41.35 8.65
CA ASP B 31 -24.78 40.23 9.53
C ASP B 31 -23.78 40.01 10.65
N LEU B 32 -22.48 40.09 10.32
CA LEU B 32 -21.46 39.79 11.30
C LEU B 32 -21.38 40.89 12.34
N ALA B 33 -21.93 42.06 12.00
CA ALA B 33 -21.97 43.16 12.94
C ALA B 33 -23.23 43.09 13.82
N HIS B 34 -24.10 42.13 13.52
CA HIS B 34 -25.31 41.93 14.32
C HIS B 34 -25.42 40.51 14.83
N THR B 35 -24.33 39.98 15.36
CA THR B 35 -24.35 38.66 15.98
C THR B 35 -25.12 38.68 17.29
N PRO B 36 -25.51 37.49 17.79
CA PRO B 36 -26.17 37.52 19.11
C PRO B 36 -25.31 38.19 20.19
N SER B 37 -23.98 38.11 20.11
CA SER B 37 -23.15 38.77 21.12
C SER B 37 -23.21 40.30 20.98
N GLN B 38 -23.11 40.84 19.76
CA GLN B 38 -23.28 42.30 19.60
C GLN B 38 -24.68 42.77 20.05
N LEU B 39 -25.69 41.95 19.83
CA LEU B 39 -27.07 42.35 20.14
C LEU B 39 -27.26 42.54 21.64
N GLU B 40 -26.52 41.76 22.41
CA GLU B 40 -26.49 41.92 23.85
C GLU B 40 -25.41 42.93 24.32
N GLY B 41 -24.94 43.80 23.42
CA GLY B 41 -24.04 44.84 23.83
C GLY B 41 -22.54 44.56 23.85
N LEU B 42 -22.12 43.36 23.44
CA LEU B 42 -20.69 43.06 23.36
C LEU B 42 -20.10 43.93 22.25
N ASP B 43 -19.03 44.66 22.54
CA ASP B 43 -18.33 45.47 21.54
C ASP B 43 -17.68 44.56 20.51
N PRO B 44 -17.65 44.98 19.24
CA PRO B 44 -17.05 44.21 18.13
C PRO B 44 -15.62 43.75 18.42
N ALA B 45 -14.84 44.60 19.08
CA ALA B 45 -13.44 44.25 19.34
C ALA B 45 -13.35 43.12 20.35
N THR B 46 -14.23 43.11 21.34
CA THR B 46 -14.22 42.05 22.35
C THR B 46 -14.70 40.72 21.75
N GLU B 47 -15.67 40.77 20.84
CA GLU B 47 -16.12 39.51 20.23
C GLU B 47 -15.01 38.95 19.31
N ALA B 48 -14.33 39.82 18.59
CA ALA B 48 -13.19 39.42 17.76
C ALA B 48 -12.08 38.73 18.58
N ARG B 49 -11.78 39.26 19.76
CA ARG B 49 -10.79 38.65 20.64
C ARG B 49 -11.33 37.33 21.21
N TYR B 50 -12.63 37.28 21.57
CA TYR B 50 -13.19 36.02 22.06
C TYR B 50 -13.08 34.90 21.00
N ARG B 51 -13.37 35.21 19.75
CA ARG B 51 -13.23 34.19 18.70
C ARG B 51 -11.77 33.75 18.48
N ARG B 52 -10.82 34.68 18.49
CA ARG B 52 -9.39 34.36 18.39
C ARG B 52 -8.98 33.42 19.49
N GLU B 53 -9.33 33.78 20.72
CA GLU B 53 -8.96 33.01 21.89
C GLU B 53 -9.57 31.60 21.86
N GLY B 54 -10.84 31.53 21.48
CA GLY B 54 -11.51 30.25 21.36
C GLY B 54 -10.85 29.41 20.27
N ALA B 55 -10.52 30.06 19.16
CA ALA B 55 -9.94 29.33 18.02
C ALA B 55 -8.54 28.82 18.35
N ARG B 56 -7.71 29.67 18.94
CA ARG B 56 -6.34 29.30 19.28
C ARG B 56 -6.32 28.23 20.37
N PHE B 57 -7.35 28.28 21.21
CA PHE B 57 -7.53 27.28 22.25
C PHE B 57 -7.84 25.92 21.64
N ILE B 58 -8.78 25.88 20.71
CA ILE B 58 -9.07 24.64 19.98
C ILE B 58 -7.76 24.13 19.29
N PHE B 59 -7.10 25.01 18.55
CA PHE B 59 -5.84 24.66 17.86
C PHE B 59 -4.80 24.08 18.82
N ASP B 60 -4.56 24.76 19.93
CA ASP B 60 -3.56 24.33 20.92
C ASP B 60 -3.92 23.00 21.60
N VAL B 61 -5.18 22.80 21.98
CA VAL B 61 -5.55 21.52 22.62
C VAL B 61 -5.41 20.34 21.65
N GLY B 62 -5.98 20.49 20.46
CA GLY B 62 -5.92 19.44 19.45
C GLY B 62 -4.47 19.11 19.07
N THR B 63 -3.65 20.15 18.99
CA THR B 63 -2.24 19.93 18.62
C THR B 63 -1.56 19.06 19.68
N ARG B 64 -1.75 19.40 20.95
CA ARG B 64 -1.20 18.59 22.02
C ARG B 64 -1.83 17.19 22.11
N LEU B 65 -2.99 16.99 21.48
CA LEU B 65 -3.56 15.64 21.41
C LEU B 65 -3.09 14.97 20.10
N GLY B 66 -2.25 15.69 19.34
CA GLY B 66 -1.78 15.25 18.03
C GLY B 66 -2.86 15.04 16.99
N LEU B 67 -3.75 16.03 16.81
CA LEU B 67 -4.81 15.85 15.83
C LEU B 67 -4.48 16.47 14.47
N HIS B 68 -4.97 15.78 13.45
CA HIS B 68 -4.98 16.21 12.05
C HIS B 68 -5.41 17.68 11.90
N TYR B 69 -4.75 18.44 11.02
CA TYR B 69 -5.10 19.85 10.81
C TYR B 69 -6.55 20.08 10.37
N ASP B 70 -7.12 19.08 9.71
CA ASP B 70 -8.48 19.12 9.24
C ASP B 70 -9.40 18.99 10.43
N THR B 71 -8.97 18.22 11.43
CA THR B 71 -9.78 18.02 12.60
C THR B 71 -9.82 19.29 13.44
N LEU B 72 -8.70 20.01 13.50
CA LEU B 72 -8.67 21.27 14.22
C LEU B 72 -9.62 22.26 13.56
N ALA B 73 -9.52 22.33 12.23
CA ALA B 73 -10.27 23.26 11.41
C ALA B 73 -11.76 23.01 11.51
N THR B 74 -12.13 21.74 11.59
CA THR B 74 -13.54 21.40 11.65
C THR B 74 -14.08 21.89 13.01
N GLY B 75 -13.28 21.66 14.06
CA GLY B 75 -13.60 22.15 15.39
C GLY B 75 -13.81 23.65 15.40
N ILE B 76 -12.89 24.40 14.78
CA ILE B 76 -12.95 25.84 14.79
C ILE B 76 -14.14 26.35 13.98
N ILE B 77 -14.51 25.65 12.90
CA ILE B 77 -15.62 26.11 12.07
C ILE B 77 -16.96 25.92 12.82
N TYR B 78 -17.10 24.81 13.54
CA TYR B 78 -18.23 24.60 14.41
C TYR B 78 -18.33 25.75 15.41
N PHE B 79 -17.16 26.15 15.92
CA PHE B 79 -17.06 27.19 16.95
C PHE B 79 -17.57 28.51 16.40
N HIS B 80 -17.08 28.89 15.23
CA HIS B 80 -17.48 30.15 14.65
C HIS B 80 -18.97 30.18 14.31
N ARG B 81 -19.51 29.03 13.89
CA ARG B 81 -20.92 28.90 13.54
C ARG B 81 -21.80 28.96 14.78
N PHE B 82 -21.36 28.31 15.86
CA PHE B 82 -22.10 28.27 17.11
C PHE B 82 -22.45 29.68 17.56
N TYR B 83 -21.49 30.61 17.45
CA TYR B 83 -21.69 31.98 17.95
C TYR B 83 -22.32 32.94 16.93
N MET B 84 -22.84 32.41 15.84
CA MET B 84 -23.76 33.19 15.01
C MET B 84 -25.20 32.99 15.51
N PHE B 85 -25.38 32.07 16.46
CA PHE B 85 -26.70 31.72 16.96
C PHE B 85 -26.81 31.89 18.47
N HIS B 86 -25.67 31.91 19.15
CA HIS B 86 -25.68 32.11 20.60
C HIS B 86 -24.76 33.25 20.99
N SER B 87 -24.95 33.79 22.20
CA SER B 87 -24.15 34.93 22.66
C SER B 87 -22.98 34.50 23.56
N PHE B 88 -21.81 35.14 23.42
CA PHE B 88 -20.68 34.84 24.35
C PHE B 88 -21.04 35.15 25.81
N LYS B 89 -21.94 36.09 26.00
CA LYS B 89 -22.37 36.40 27.37
C LYS B 89 -23.15 35.24 28.00
N GLN B 90 -23.71 34.36 27.17
CA GLN B 90 -24.50 33.26 27.71
C GLN B 90 -23.77 31.91 27.63
N PHE B 91 -22.73 31.81 26.80
CA PHE B 91 -22.00 30.55 26.61
C PHE B 91 -20.47 30.78 26.66
N PRO B 92 -19.82 30.38 27.76
CA PRO B 92 -18.38 30.62 27.94
C PRO B 92 -17.55 29.97 26.82
N ARG B 93 -16.66 30.74 26.24
CA ARG B 93 -16.03 30.40 24.97
C ARG B 93 -15.15 29.14 25.02
N TYR B 94 -14.52 28.83 26.15
CA TYR B 94 -13.59 27.72 26.20
C TYR B 94 -14.30 26.39 26.33
N VAL B 95 -15.42 26.42 27.03
CA VAL B 95 -16.28 25.25 27.15
C VAL B 95 -16.81 24.87 25.79
N THR B 96 -17.25 25.87 25.03
CA THR B 96 -17.70 25.63 23.66
C THR B 96 -16.54 25.10 22.79
N GLY B 97 -15.36 25.69 22.94
CA GLY B 97 -14.18 25.24 22.22
C GLY B 97 -13.95 23.76 22.45
N ALA B 98 -13.93 23.35 23.71
CA ALA B 98 -13.70 21.95 24.02
C ALA B 98 -14.80 21.10 23.42
N CYS B 99 -16.03 21.58 23.51
CA CYS B 99 -17.13 20.81 22.94
C CYS B 99 -16.98 20.61 21.43
N CYS B 100 -16.59 21.66 20.73
CA CYS B 100 -16.46 21.61 19.29
C CYS B 100 -15.30 20.65 18.85
N LEU B 101 -14.16 20.71 19.54
CA LEU B 101 -13.05 19.78 19.24
C LEU B 101 -13.48 18.34 19.48
N PHE B 102 -14.16 18.12 20.60
CA PHE B 102 -14.69 16.81 20.95
C PHE B 102 -15.56 16.26 19.83
N LEU B 103 -16.48 17.09 19.35
CA LEU B 103 -17.38 16.66 18.28
C LEU B 103 -16.62 16.49 16.95
N ALA B 104 -15.71 17.41 16.64
CA ALA B 104 -14.91 17.33 15.41
C ALA B 104 -14.12 16.01 15.32
N GLY B 105 -13.53 15.58 16.43
CA GLY B 105 -12.81 14.33 16.51
C GLY B 105 -13.62 13.15 16.04
N LYS B 106 -14.85 13.06 16.55
CA LYS B 106 -15.77 11.99 16.15
C LYS B 106 -16.13 12.11 14.68
N VAL B 107 -16.46 13.32 14.24
CA VAL B 107 -16.86 13.52 12.85
C VAL B 107 -15.73 13.20 11.87
N GLU B 108 -14.51 13.54 12.23
CA GLU B 108 -13.39 13.36 11.33
C GLU B 108 -12.71 12.00 11.53
N GLU B 109 -13.41 11.11 12.21
CA GLU B 109 -12.89 9.77 12.50
C GLU B 109 -11.53 9.78 13.17
N THR B 110 -11.27 10.79 14.00
CA THR B 110 -10.08 10.82 14.83
C THR B 110 -10.47 11.16 16.27
N PRO B 111 -11.19 10.24 16.93
CA PRO B 111 -11.79 10.42 18.25
C PRO B 111 -10.79 10.61 19.38
N LYS B 112 -11.07 11.56 20.26
CA LYS B 112 -10.36 11.68 21.52
C LYS B 112 -11.39 11.62 22.65
N LYS B 113 -11.03 10.99 23.76
CA LYS B 113 -11.91 10.89 24.90
C LYS B 113 -12.13 12.27 25.48
N CYS B 114 -13.33 12.53 25.95
CA CYS B 114 -13.63 13.85 26.48
C CYS B 114 -12.74 14.13 27.67
N LYS B 115 -12.35 13.07 28.38
CA LYS B 115 -11.51 13.24 29.57
C LYS B 115 -10.13 13.77 29.19
N ASP B 116 -9.64 13.36 28.02
CA ASP B 116 -8.35 13.83 27.53
C ASP B 116 -8.41 15.32 27.13
N ILE B 117 -9.50 15.72 26.50
CA ILE B 117 -9.70 17.12 26.15
C ILE B 117 -9.74 18.01 27.40
N ILE B 118 -10.39 17.52 28.45
CA ILE B 118 -10.48 18.28 29.69
C ILE B 118 -9.11 18.46 30.38
N LYS B 119 -8.31 17.39 30.47
CA LYS B 119 -6.98 17.53 31.09
C LYS B 119 -6.10 18.49 30.32
N THR B 120 -6.10 18.35 28.99
CA THR B 120 -5.32 19.25 28.15
C THR B 120 -5.81 20.67 28.35
N ALA B 121 -7.13 20.84 28.46
CA ALA B 121 -7.68 22.17 28.70
C ALA B 121 -7.21 22.70 30.05
N ARG B 122 -7.17 21.84 31.06
CA ARG B 122 -6.72 22.27 32.38
C ARG B 122 -5.27 22.72 32.32
N SER B 123 -4.48 21.98 31.55
CA SER B 123 -3.04 22.24 31.40
C SER B 123 -2.76 23.58 30.76
N LEU B 124 -3.57 23.96 29.78
CA LEU B 124 -3.30 25.16 28.99
C LEU B 124 -3.92 26.43 29.54
N LEU B 125 -4.99 26.29 30.32
CA LEU B 125 -5.69 27.48 30.82
C LEU B 125 -5.20 27.82 32.23
N ASN B 126 -5.31 29.09 32.62
CA ASN B 126 -5.07 29.48 34.00
C ASN B 126 -6.38 29.34 34.80
N ASP B 127 -6.30 29.51 36.12
CA ASP B 127 -7.37 29.13 37.04
C ASP B 127 -8.73 29.76 36.70
N VAL B 128 -8.70 31.05 36.39
CA VAL B 128 -9.88 31.83 36.06
C VAL B 128 -10.50 31.38 34.76
N GLN B 129 -9.66 31.21 33.74
CA GLN B 129 -10.13 30.71 32.46
C GLN B 129 -10.77 29.35 32.59
N PHE B 130 -10.12 28.45 33.34
CA PHE B 130 -10.65 27.10 33.47
C PHE B 130 -11.88 27.09 34.37
N GLY B 131 -12.03 28.15 35.16
CA GLY B 131 -13.20 28.32 35.99
C GLY B 131 -14.47 28.19 35.18
N GLN B 132 -14.39 28.53 33.89
CA GLN B 132 -15.53 28.44 32.98
C GLN B 132 -16.17 27.06 32.98
N PHE B 133 -15.41 26.02 33.26
CA PHE B 133 -15.92 24.66 33.18
C PHE B 133 -16.63 24.25 34.45
N GLY B 134 -16.59 25.09 35.48
CA GLY B 134 -17.34 24.83 36.70
C GLY B 134 -16.88 23.64 37.50
N ASP B 135 -17.82 23.04 38.23
CA ASP B 135 -17.52 21.94 39.15
C ASP B 135 -17.32 20.60 38.43
N ASP B 136 -18.07 20.37 37.37
CA ASP B 136 -17.90 19.13 36.60
C ASP B 136 -17.62 19.45 35.13
N PRO B 137 -16.33 19.61 34.79
CA PRO B 137 -15.89 20.01 33.45
C PRO B 137 -16.37 19.07 32.36
N LYS B 138 -16.24 17.76 32.55
CA LYS B 138 -16.70 16.81 31.55
C LYS B 138 -18.20 16.97 31.29
N GLU B 139 -18.98 17.21 32.33
CA GLU B 139 -20.40 17.14 32.11
C GLU B 139 -20.90 18.48 31.59
N GLU B 140 -20.08 19.52 31.70
CA GLU B 140 -20.42 20.78 31.04
C GLU B 140 -20.19 20.65 29.54
N VAL B 141 -19.19 19.86 29.16
CA VAL B 141 -18.97 19.63 27.75
C VAL B 141 -20.08 18.75 27.16
N MET B 142 -20.40 17.66 27.86
CA MET B 142 -21.36 16.71 27.33
C MET B 142 -22.74 17.31 27.12
N VAL B 143 -23.18 18.18 28.03
CA VAL B 143 -24.52 18.76 27.90
C VAL B 143 -24.52 19.78 26.76
N LEU B 144 -23.38 20.44 26.55
CA LEU B 144 -23.31 21.40 25.46
C LEU B 144 -23.38 20.72 24.08
N GLU B 145 -23.01 19.44 24.02
CA GLU B 145 -22.94 18.75 22.72
C GLU B 145 -24.31 18.61 22.02
N ARG B 146 -25.37 18.37 22.78
CA ARG B 146 -26.73 18.39 22.23
C ARG B 146 -27.02 19.73 21.57
N ILE B 147 -26.75 20.80 22.30
CA ILE B 147 -27.00 22.14 21.80
C ILE B 147 -26.15 22.45 20.57
N LEU B 148 -24.88 22.04 20.62
CA LEU B 148 -24.01 22.24 19.49
C LEU B 148 -24.57 21.59 18.22
N LEU B 149 -24.91 20.31 18.34
CA LEU B 149 -25.40 19.54 17.20
C LEU B 149 -26.67 20.19 16.61
N GLN B 150 -27.53 20.70 17.49
CA GLN B 150 -28.76 21.36 17.01
C GLN B 150 -28.46 22.65 16.28
N THR B 151 -27.50 23.41 16.81
CA THR B 151 -27.11 24.71 16.27
C THR B 151 -26.47 24.57 14.89
N ILE B 152 -25.59 23.58 14.73
CA ILE B 152 -25.01 23.37 13.40
C ILE B 152 -25.92 22.52 12.52
N LYS B 153 -27.14 22.27 13.00
CA LYS B 153 -28.19 21.64 12.18
C LYS B 153 -27.79 20.27 11.68
N PHE B 154 -26.91 19.61 12.43
CA PHE B 154 -26.41 18.29 12.05
C PHE B 154 -25.78 18.26 10.67
N ASP B 155 -25.25 19.40 10.22
CA ASP B 155 -24.48 19.44 8.99
C ASP B 155 -23.00 19.25 9.31
N LEU B 156 -22.58 18.00 9.45
CA LEU B 156 -21.28 17.70 10.09
C LEU B 156 -20.07 17.86 9.16
N GLN B 157 -20.28 17.62 7.88
CA GLN B 157 -19.22 17.61 6.89
C GLN B 157 -18.80 19.01 6.45
N VAL B 158 -17.52 19.27 6.57
CA VAL B 158 -16.95 20.58 6.26
C VAL B 158 -15.64 20.44 5.51
N GLU B 159 -15.39 21.32 4.55
CA GLU B 159 -14.11 21.26 3.85
C GLU B 159 -13.30 22.52 4.13
N HIS B 160 -11.98 22.41 4.11
CA HIS B 160 -11.13 23.52 4.55
C HIS B 160 -10.20 24.01 3.42
N PRO B 161 -9.58 25.19 3.59
CA PRO B 161 -8.76 25.68 2.47
C PRO B 161 -7.49 24.87 2.17
N TYR B 162 -7.03 24.02 3.09
CA TYR B 162 -5.74 23.32 2.90
C TYR B 162 -5.68 22.49 1.62
N GLN B 163 -6.63 21.57 1.49
CA GLN B 163 -6.77 20.71 0.33
C GLN B 163 -6.81 21.50 -0.97
N PHE B 164 -7.42 22.69 -0.98
CA PHE B 164 -7.51 23.43 -2.24
C PHE B 164 -6.20 24.14 -2.54
N LEU B 165 -5.58 24.67 -1.50
CA LEU B 165 -4.24 25.23 -1.65
C LEU B 165 -3.27 24.19 -2.29
N LEU B 166 -3.34 22.94 -1.86
CA LEU B 166 -2.42 21.90 -2.35
C LEU B 166 -2.81 21.52 -3.77
N LYS B 167 -4.10 21.39 -4.02
CA LYS B 167 -4.57 21.03 -5.35
C LYS B 167 -4.20 22.09 -6.38
N TYR B 168 -4.33 23.36 -6.02
CA TYR B 168 -4.06 24.44 -6.97
C TYR B 168 -2.56 24.61 -7.20
N ALA B 169 -1.81 24.59 -6.10
CA ALA B 169 -0.37 24.81 -6.22
C ALA B 169 0.27 23.72 -7.06
N LYS B 170 -0.29 22.51 -7.01
CA LYS B 170 0.24 21.36 -7.74
C LYS B 170 0.16 21.51 -9.27
N GLN B 171 -0.55 22.54 -9.72
CA GLN B 171 -0.71 22.82 -11.15
C GLN B 171 0.10 24.05 -11.53
N LEU B 172 0.94 24.51 -10.63
CA LEU B 172 1.79 25.63 -10.91
C LEU B 172 3.09 25.01 -11.38
N LYS B 173 3.75 25.60 -12.37
CA LYS B 173 4.95 24.97 -12.91
C LYS B 173 6.32 25.59 -13.00
N GLY B 174 6.50 26.83 -12.60
CA GLY B 174 7.78 27.51 -12.85
C GLY B 174 9.07 27.31 -12.07
N ASP B 175 9.03 27.40 -10.74
CA ASP B 175 10.23 27.26 -9.93
C ASP B 175 9.89 26.45 -8.69
N LYS B 176 10.44 25.24 -8.62
CA LYS B 176 10.15 24.30 -7.54
C LYS B 176 10.34 24.93 -6.17
N ASN B 177 11.36 25.76 -6.04
CA ASN B 177 11.69 26.33 -4.75
C ASN B 177 10.78 27.48 -4.33
N LYS B 178 10.49 28.35 -5.29
CA LYS B 178 9.63 29.51 -5.02
C LYS B 178 8.21 29.02 -4.75
N ILE B 179 7.79 28.02 -5.52
CA ILE B 179 6.48 27.42 -5.35
C ILE B 179 6.34 26.83 -3.95
N GLN B 180 7.39 26.19 -3.45
CA GLN B 180 7.30 25.65 -2.09
C GLN B 180 7.25 26.76 -1.05
N LYS B 181 7.98 27.84 -1.27
CA LYS B 181 7.92 28.95 -0.32
C LYS B 181 6.49 29.52 -0.30
N LEU B 182 5.87 29.55 -1.48
CA LEU B 182 4.51 30.06 -1.59
C LEU B 182 3.56 29.21 -0.76
N VAL B 183 3.62 27.89 -0.97
CA VAL B 183 2.74 26.96 -0.28
C VAL B 183 2.91 27.00 1.24
N GLN B 184 4.16 27.07 1.69
CA GLN B 184 4.45 27.02 3.11
C GLN B 184 3.91 28.26 3.82
N MET B 185 4.17 29.41 3.23
CA MET B 185 3.69 30.66 3.79
C MET B 185 2.15 30.75 3.71
N ALA B 186 1.56 30.25 2.62
CA ALA B 186 0.10 30.33 2.46
C ALA B 186 -0.58 29.42 3.48
N TRP B 187 0.07 28.30 3.75
CA TRP B 187 -0.37 27.37 4.77
C TRP B 187 -0.49 28.07 6.12
N THR B 188 0.54 28.84 6.45
CA THR B 188 0.53 29.62 7.68
C THR B 188 -0.66 30.60 7.69
N PHE B 189 -0.93 31.25 6.56
CA PHE B 189 -2.06 32.18 6.50
C PHE B 189 -3.40 31.48 6.66
N VAL B 190 -3.51 30.22 6.22
CA VAL B 190 -4.76 29.47 6.43
C VAL B 190 -4.98 29.32 7.93
N ASN B 191 -3.91 28.92 8.63
CA ASN B 191 -3.94 28.83 10.09
C ASN B 191 -4.40 30.17 10.71
N ASP B 192 -3.83 31.28 10.29
CA ASP B 192 -4.27 32.59 10.78
C ASP B 192 -5.70 32.89 10.46
N SER B 193 -6.14 32.50 9.28
CA SER B 193 -7.45 32.90 8.84
C SER B 193 -8.49 32.27 9.75
N LEU B 194 -8.15 31.14 10.36
CA LEU B 194 -9.11 30.40 11.16
C LEU B 194 -9.46 31.12 12.46
N CYS B 195 -8.70 32.17 12.79
CA CYS B 195 -8.93 32.93 14.03
C CYS B 195 -9.92 34.06 13.76
N THR B 196 -10.41 34.12 12.54
CA THR B 196 -11.25 35.24 12.11
C THR B 196 -12.51 34.67 11.49
N THR B 197 -13.48 35.54 11.21
CA THR B 197 -14.77 35.10 10.72
C THR B 197 -14.68 34.81 9.21
N LEU B 198 -13.47 34.69 8.67
CA LEU B 198 -13.34 34.50 7.22
C LEU B 198 -14.08 33.26 6.72
N SER B 199 -14.04 32.17 7.49
CA SER B 199 -14.77 30.97 7.10
C SER B 199 -16.29 31.15 7.15
N LEU B 200 -16.76 32.24 7.76
CA LEU B 200 -18.20 32.53 7.78
C LEU B 200 -18.53 33.41 6.59
N GLN B 201 -17.49 33.88 5.89
CA GLN B 201 -17.70 34.85 4.82
C GLN B 201 -17.50 34.28 3.42
N TRP B 202 -16.49 33.44 3.26
CA TRP B 202 -16.15 32.92 1.93
C TRP B 202 -15.85 31.41 1.94
N GLU B 203 -16.16 30.76 0.83
CA GLU B 203 -15.90 29.33 0.65
C GLU B 203 -14.39 29.03 0.70
N PRO B 204 -14.02 27.82 1.14
CA PRO B 204 -12.61 27.41 1.33
C PRO B 204 -11.75 27.61 0.09
N GLU B 205 -12.32 27.37 -1.08
CA GLU B 205 -11.62 27.50 -2.35
C GLU B 205 -11.10 28.90 -2.51
N ILE B 206 -11.97 29.85 -2.16
CA ILE B 206 -11.67 31.25 -2.28
C ILE B 206 -10.61 31.68 -1.29
N ILE B 207 -10.74 31.23 -0.04
CA ILE B 207 -9.71 31.50 0.95
C ILE B 207 -8.37 30.95 0.46
N ALA B 208 -8.40 29.74 -0.08
CA ALA B 208 -7.19 29.11 -0.60
C ALA B 208 -6.51 29.99 -1.66
N VAL B 209 -7.31 30.55 -2.54
CA VAL B 209 -6.79 31.43 -3.59
C VAL B 209 -6.24 32.71 -2.95
N ALA B 210 -6.94 33.22 -1.94
CA ALA B 210 -6.54 34.47 -1.29
C ALA B 210 -5.18 34.36 -0.59
N VAL B 211 -4.93 33.24 0.09
CA VAL B 211 -3.68 33.10 0.82
C VAL B 211 -2.51 32.91 -0.15
N MET B 212 -2.76 32.28 -1.29
CA MET B 212 -1.75 32.20 -2.35
C MET B 212 -1.43 33.59 -2.88
N TYR B 213 -2.48 34.38 -3.10
CA TYR B 213 -2.35 35.74 -3.59
C TYR B 213 -1.58 36.62 -2.59
N LEU B 214 -1.85 36.43 -1.31
CA LEU B 214 -1.17 37.23 -0.29
C LEU B 214 0.30 36.84 -0.21
N ALA B 215 0.57 35.54 -0.19
CA ALA B 215 1.94 35.03 -0.15
C ALA B 215 2.76 35.51 -1.35
N GLY B 216 2.18 35.36 -2.54
CA GLY B 216 2.79 35.86 -3.76
C GLY B 216 3.17 37.33 -3.71
N ARG B 217 2.32 38.15 -3.11
CA ARG B 217 2.61 39.58 -3.09
C ARG B 217 3.71 39.88 -2.07
N LEU B 218 3.67 39.20 -0.93
CA LEU B 218 4.70 39.38 0.09
C LEU B 218 6.06 38.85 -0.36
N CYS B 219 6.05 37.84 -1.23
CA CYS B 219 7.29 37.23 -1.71
C CYS B 219 7.72 37.85 -3.04
N LYS B 220 6.94 38.83 -3.50
CA LYS B 220 7.16 39.46 -4.80
C LYS B 220 7.23 38.42 -5.92
N PHE B 221 6.31 37.46 -5.86
CA PHE B 221 6.17 36.43 -6.88
C PHE B 221 5.09 36.77 -7.87
N GLU B 222 5.41 36.57 -9.15
CA GLU B 222 4.41 36.70 -10.20
C GLU B 222 3.84 35.32 -10.55
N ILE B 223 2.71 34.99 -9.93
CA ILE B 223 2.10 33.66 -10.02
C ILE B 223 1.62 33.31 -11.43
N GLN B 224 1.18 34.32 -12.17
CA GLN B 224 0.82 34.18 -13.58
C GLN B 224 1.85 33.38 -14.37
N GLU B 225 3.11 33.72 -14.17
CA GLU B 225 4.23 33.12 -14.89
C GLU B 225 4.40 31.62 -14.64
N TRP B 226 3.58 31.06 -13.74
CA TRP B 226 3.70 29.64 -13.40
C TRP B 226 2.53 28.86 -13.98
N THR B 227 1.74 29.53 -14.82
CA THR B 227 0.59 28.92 -15.46
C THR B 227 0.73 28.91 -16.97
N SER B 228 -0.21 28.27 -17.63
CA SER B 228 -0.25 28.17 -19.09
C SER B 228 -0.55 29.51 -19.77
N LYS B 229 -1.23 30.42 -19.07
CA LYS B 229 -1.50 31.77 -19.61
C LYS B 229 -0.79 32.87 -18.82
N PRO B 230 0.52 33.07 -19.10
CA PRO B 230 1.42 33.96 -18.36
C PRO B 230 1.19 35.46 -18.56
N MET B 231 0.49 35.83 -19.63
CA MET B 231 0.29 37.25 -19.92
C MET B 231 -0.95 37.76 -19.20
N TYR B 232 -1.67 36.82 -18.58
CA TYR B 232 -2.91 37.14 -17.89
C TYR B 232 -2.72 37.30 -16.38
N ARG B 233 -2.83 38.54 -15.90
CA ARG B 233 -2.56 38.85 -14.50
C ARG B 233 -3.52 38.17 -13.53
N ARG B 234 -4.76 37.95 -13.97
CA ARG B 234 -5.76 37.26 -13.16
C ARG B 234 -5.62 35.73 -13.17
N TRP B 235 -4.49 35.24 -12.66
CA TRP B 235 -4.14 33.81 -12.69
C TRP B 235 -5.12 32.85 -12.00
N TRP B 236 -5.93 33.36 -11.09
CA TRP B 236 -6.76 32.49 -10.25
C TRP B 236 -8.05 32.00 -10.92
N GLU B 237 -8.41 32.59 -12.06
CA GLU B 237 -9.64 32.18 -12.75
C GLU B 237 -9.62 30.75 -13.23
N GLN B 238 -8.44 30.16 -13.25
CA GLN B 238 -8.27 28.78 -13.68
C GLN B 238 -8.76 27.82 -12.61
N PHE B 239 -8.83 28.31 -11.37
CA PHE B 239 -9.16 27.48 -10.22
C PHE B 239 -10.55 27.78 -9.66
N VAL B 240 -10.94 29.05 -9.67
CA VAL B 240 -12.25 29.44 -9.16
C VAL B 240 -12.88 30.44 -10.12
N GLN B 241 -14.21 30.43 -10.17
CA GLN B 241 -14.97 31.28 -11.09
C GLN B 241 -15.51 32.54 -10.42
N ASP B 242 -15.46 33.66 -11.14
CA ASP B 242 -16.10 34.91 -10.72
C ASP B 242 -15.67 35.44 -9.35
N VAL B 243 -14.36 35.48 -9.11
CA VAL B 243 -13.82 36.08 -7.89
C VAL B 243 -13.08 37.36 -8.25
N PRO B 244 -13.61 38.52 -7.85
CA PRO B 244 -12.93 39.76 -8.22
C PRO B 244 -11.72 40.02 -7.36
N VAL B 245 -10.82 40.85 -7.87
CA VAL B 245 -9.61 41.20 -7.14
C VAL B 245 -10.00 41.78 -5.79
N ASP B 246 -10.98 42.69 -5.79
CA ASP B 246 -11.46 43.32 -4.56
C ASP B 246 -11.68 42.32 -3.41
N VAL B 247 -12.34 41.20 -3.67
CA VAL B 247 -12.61 40.20 -2.62
C VAL B 247 -11.30 39.64 -2.05
N LEU B 248 -10.36 39.34 -2.95
CA LEU B 248 -9.05 38.85 -2.53
C LEU B 248 -8.32 39.87 -1.66
N GLU B 249 -8.30 41.12 -2.08
CA GLU B 249 -7.68 42.19 -1.29
C GLU B 249 -8.38 42.33 0.07
N ASP B 250 -9.69 42.16 0.08
CA ASP B 250 -10.45 42.23 1.33
C ASP B 250 -10.00 41.15 2.30
N ILE B 251 -9.86 39.92 1.81
CA ILE B 251 -9.42 38.80 2.63
C ILE B 251 -8.01 39.05 3.16
N CYS B 252 -7.19 39.67 2.33
CA CYS B 252 -5.80 39.95 2.68
C CYS B 252 -5.71 40.91 3.87
N HIS B 253 -6.50 41.98 3.81
CA HIS B 253 -6.53 42.97 4.87
C HIS B 253 -6.99 42.37 6.19
N GLN B 254 -7.98 41.50 6.14
CA GLN B 254 -8.50 40.85 7.34
C GLN B 254 -7.43 39.93 7.96
N ILE B 255 -6.76 39.18 7.11
CA ILE B 255 -5.64 38.37 7.60
C ILE B 255 -4.52 39.26 8.13
N LEU B 256 -4.15 40.30 7.38
CA LEU B 256 -3.03 41.16 7.77
C LEU B 256 -3.29 41.90 9.09
N ASP B 257 -4.57 42.03 9.43
CA ASP B 257 -4.97 42.74 10.64
C ASP B 257 -4.46 42.02 11.90
N LEU B 258 -4.18 40.73 11.79
CA LEU B 258 -3.69 39.93 12.91
C LEU B 258 -2.20 40.24 13.19
N TYR B 259 -1.58 40.93 12.24
CA TYR B 259 -0.24 41.45 12.40
C TYR B 259 -0.45 42.96 12.56
N SER B 260 -1.32 43.30 13.52
CA SER B 260 -1.94 44.63 13.64
C SER B 260 -1.08 45.89 13.80
N GLN B 261 -0.15 45.94 14.70
CA GLN B 261 0.82 47.04 14.71
C GLN B 261 1.90 46.13 14.99
N GLY B 262 1.65 45.36 16.04
CA GLY B 262 2.57 44.36 16.52
C GLY B 262 1.81 43.06 16.42
N LYS B 263 1.87 42.27 17.50
CA LYS B 263 1.17 41.00 17.56
C LYS B 263 1.95 39.88 16.87
N TRP C 5 31.61 -20.33 -13.07
CA TRP C 5 32.09 -19.84 -11.79
C TRP C 5 32.02 -20.92 -10.72
N GLY C 6 32.95 -20.85 -9.75
CA GLY C 6 33.03 -21.86 -8.71
C GLY C 6 34.07 -22.93 -9.00
N LYS C 7 34.71 -22.86 -10.16
CA LYS C 7 35.56 -23.95 -10.63
C LYS C 7 37.08 -23.71 -10.50
N ARG C 8 37.52 -22.45 -10.59
CA ARG C 8 38.94 -22.17 -10.40
C ARG C 8 39.29 -22.16 -8.91
N CYS C 9 40.55 -22.47 -8.60
CA CYS C 9 40.99 -22.61 -7.21
C CYS C 9 41.54 -21.27 -6.72
N VAL C 10 41.43 -21.01 -5.43
CA VAL C 10 41.79 -19.70 -4.91
C VAL C 10 43.30 -19.52 -4.93
N ASP C 11 44.05 -20.61 -5.15
CA ASP C 11 45.52 -20.50 -5.22
C ASP C 11 45.99 -20.05 -6.61
N LYS C 12 45.02 -19.79 -7.49
CA LYS C 12 45.23 -19.03 -8.71
C LYS C 12 45.56 -17.54 -8.37
N PHE C 13 45.32 -17.16 -7.12
CA PHE C 13 45.60 -15.82 -6.63
C PHE C 13 46.66 -15.83 -5.54
N ASP C 14 47.50 -14.80 -5.50
CA ASP C 14 48.40 -14.62 -4.38
C ASP C 14 47.77 -13.61 -3.44
N ILE C 15 47.59 -14.02 -2.19
CA ILE C 15 46.90 -13.18 -1.21
C ILE C 15 47.88 -12.22 -0.56
N ILE C 16 47.61 -10.92 -0.72
CA ILE C 16 48.54 -9.89 -0.29
C ILE C 16 48.26 -9.43 1.15
N GLY C 17 47.00 -9.25 1.50
CA GLY C 17 46.66 -8.84 2.85
C GLY C 17 45.19 -8.61 3.09
N ILE C 18 44.81 -8.53 4.36
CA ILE C 18 43.42 -8.24 4.73
C ILE C 18 43.14 -6.75 4.60
N ILE C 19 42.21 -6.37 3.74
CA ILE C 19 41.86 -4.97 3.58
C ILE C 19 40.50 -4.66 4.20
N GLY C 20 39.79 -5.69 4.62
CA GLY C 20 38.50 -5.45 5.23
C GLY C 20 38.02 -6.60 6.09
N GLU C 21 37.32 -6.25 7.15
CA GLU C 21 36.56 -7.25 7.88
C GLU C 21 35.14 -7.16 7.34
N GLY C 22 34.59 -8.29 6.93
CA GLY C 22 33.30 -8.27 6.28
C GLY C 22 32.24 -8.93 7.11
N THR C 23 31.02 -8.93 6.61
CA THR C 23 29.92 -9.60 7.28
C THR C 23 30.13 -11.11 7.36
N TYR C 24 30.31 -11.76 6.21
CA TYR C 24 30.37 -13.22 6.18
C TYR C 24 31.77 -13.76 5.89
N GLY C 25 32.75 -12.87 5.79
CA GLY C 25 34.14 -13.27 5.75
C GLY C 25 35.05 -12.06 5.64
N GLN C 26 36.36 -12.26 5.76
CA GLN C 26 37.29 -11.14 5.63
C GLN C 26 37.45 -10.77 4.17
N VAL C 27 37.86 -9.53 3.90
CA VAL C 27 38.05 -9.10 2.53
C VAL C 27 39.56 -8.92 2.27
N TYR C 28 40.07 -9.56 1.20
CA TYR C 28 41.50 -9.56 0.93
C TYR C 28 41.87 -8.81 -0.34
N LYS C 29 43.06 -8.21 -0.34
CA LYS C 29 43.72 -7.74 -1.56
C LYS C 29 44.55 -8.92 -2.08
N ALA C 30 44.46 -9.19 -3.38
CA ALA C 30 45.22 -10.28 -3.98
C ALA C 30 45.56 -9.97 -5.43
N ARG C 31 46.47 -10.76 -6.00
CA ARG C 31 46.87 -10.59 -7.39
C ARG C 31 46.74 -11.91 -8.15
N ASP C 32 46.14 -11.82 -9.32
CA ASP C 32 46.04 -12.94 -10.23
C ASP C 32 47.45 -13.39 -10.65
N LYS C 33 47.83 -14.60 -10.29
CA LYS C 33 49.17 -15.15 -10.57
C LYS C 33 49.46 -15.29 -12.06
N ASP C 34 48.42 -15.44 -12.86
CA ASP C 34 48.61 -15.59 -14.30
C ASP C 34 48.81 -14.23 -14.97
N THR C 35 47.82 -13.38 -14.85
CA THR C 35 47.75 -12.14 -15.60
C THR C 35 48.33 -10.94 -14.88
N GLY C 36 48.48 -11.04 -13.56
CA GLY C 36 48.98 -9.92 -12.78
C GLY C 36 47.90 -8.91 -12.39
N GLU C 37 46.67 -9.15 -12.82
CA GLU C 37 45.61 -8.23 -12.45
C GLU C 37 45.39 -8.28 -10.94
N MET C 38 45.20 -7.11 -10.35
CA MET C 38 44.80 -7.00 -8.95
C MET C 38 43.31 -7.23 -8.76
N VAL C 39 42.94 -7.94 -7.69
CA VAL C 39 41.55 -8.20 -7.37
C VAL C 39 41.29 -8.00 -5.89
N ALA C 40 40.01 -7.93 -5.53
CA ALA C 40 39.63 -8.04 -4.14
C ALA C 40 38.86 -9.34 -4.01
N LEU C 41 39.12 -10.06 -2.92
CA LEU C 41 38.40 -11.29 -2.63
C LEU C 41 37.50 -11.11 -1.41
N LYS C 42 36.20 -11.32 -1.58
CA LYS C 42 35.37 -11.40 -0.39
C LYS C 42 35.16 -12.86 -0.06
N LYS C 43 35.75 -13.28 1.04
CA LYS C 43 35.67 -14.66 1.47
C LYS C 43 34.30 -14.95 2.02
N VAL C 44 33.78 -16.12 1.68
CA VAL C 44 32.51 -16.55 2.22
C VAL C 44 32.78 -17.73 3.13
N ARG C 45 32.72 -17.48 4.43
CA ARG C 45 33.01 -18.53 5.38
C ARG C 45 31.88 -19.53 5.48
N LEU C 46 32.27 -20.80 5.33
CA LEU C 46 31.45 -21.95 5.64
C LEU C 46 32.33 -22.65 6.66
N ASP C 47 32.26 -22.23 7.91
CA ASP C 47 33.21 -22.71 8.91
C ASP C 47 32.58 -23.40 10.12
N ASN C 48 31.49 -22.80 10.58
CA ASN C 48 30.64 -23.34 11.64
C ASN C 48 29.25 -22.92 11.24
N GLU C 49 28.57 -23.81 10.55
CA GLU C 49 27.35 -23.46 9.86
C GLU C 49 26.06 -23.81 10.58
N LYS C 50 25.12 -22.87 10.51
CA LYS C 50 23.75 -23.13 10.88
C LYS C 50 23.02 -23.35 9.56
N GLU C 51 23.13 -22.38 8.65
CA GLU C 51 22.36 -22.47 7.40
C GLU C 51 23.20 -22.46 6.12
N GLY C 52 24.45 -22.93 6.20
CA GLY C 52 25.24 -23.15 4.99
C GLY C 52 25.61 -21.89 4.25
N PHE C 53 25.57 -21.92 2.93
CA PHE C 53 25.97 -20.74 2.15
C PHE C 53 25.07 -19.55 2.50
N PRO C 54 25.68 -18.46 2.97
CA PRO C 54 25.05 -17.23 3.48
C PRO C 54 24.08 -16.57 2.50
N ILE C 55 22.82 -16.45 2.91
CA ILE C 55 21.80 -15.80 2.09
C ILE C 55 22.17 -14.36 1.71
N THR C 56 22.97 -13.69 2.52
CA THR C 56 23.45 -12.36 2.19
C THR C 56 24.39 -12.38 0.99
N ALA C 57 25.27 -13.39 0.96
CA ALA C 57 26.17 -13.54 -0.16
C ALA C 57 25.37 -13.92 -1.41
N ILE C 58 24.31 -14.70 -1.20
CA ILE C 58 23.46 -15.07 -2.33
C ILE C 58 22.83 -13.83 -2.96
N ARG C 59 22.33 -12.94 -2.11
CA ARG C 59 21.76 -11.67 -2.54
C ARG C 59 22.74 -10.85 -3.38
N GLU C 60 23.95 -10.67 -2.86
CA GLU C 60 24.98 -9.95 -3.62
C GLU C 60 25.28 -10.62 -4.97
N ILE C 61 25.44 -11.94 -4.97
CA ILE C 61 25.69 -12.62 -6.22
C ILE C 61 24.51 -12.47 -7.17
N LYS C 62 23.30 -12.67 -6.67
CA LYS C 62 22.13 -12.64 -7.55
C LYS C 62 21.99 -11.27 -8.18
N ILE C 63 22.09 -10.23 -7.35
CA ILE C 63 21.86 -8.87 -7.83
C ILE C 63 23.04 -8.33 -8.66
N LEU C 64 24.26 -8.53 -8.18
CA LEU C 64 25.43 -8.02 -8.91
C LEU C 64 25.55 -8.61 -10.31
N ARG C 65 25.09 -9.84 -10.50
CA ARG C 65 25.23 -10.47 -11.82
C ARG C 65 24.26 -9.82 -12.81
N GLN C 66 23.20 -9.21 -12.30
CA GLN C 66 22.20 -8.53 -13.11
C GLN C 66 22.58 -7.09 -13.48
N LEU C 67 23.48 -6.51 -12.71
CA LEU C 67 23.87 -5.12 -12.92
C LEU C 67 25.21 -5.03 -13.64
N THR C 68 25.23 -4.35 -14.78
CA THR C 68 26.48 -4.13 -15.49
C THR C 68 26.61 -2.65 -15.83
N HIS C 69 27.50 -1.98 -15.14
CA HIS C 69 27.67 -0.54 -15.34
C HIS C 69 29.04 -0.08 -14.87
N GLN C 70 29.57 0.95 -15.50
CA GLN C 70 30.93 1.40 -15.21
C GLN C 70 31.08 2.03 -13.82
N SER C 71 29.96 2.39 -13.19
CA SER C 71 30.05 3.01 -11.86
C SER C 71 29.44 2.13 -10.79
N ILE C 72 29.26 0.86 -11.13
CA ILE C 72 28.82 -0.16 -10.19
C ILE C 72 29.87 -1.27 -10.14
N ILE C 73 30.24 -1.70 -8.94
CA ILE C 73 31.33 -2.69 -8.81
C ILE C 73 30.99 -3.97 -9.57
N ASN C 74 31.98 -4.47 -10.28
CA ASN C 74 31.86 -5.67 -11.11
C ASN C 74 32.39 -6.90 -10.37
N MET C 75 31.55 -7.91 -10.21
CA MET C 75 31.98 -9.19 -9.67
C MET C 75 32.48 -10.06 -10.82
N LYS C 76 33.80 -10.28 -10.89
CA LYS C 76 34.45 -11.00 -11.99
C LYS C 76 34.17 -12.49 -12.03
N GLU C 77 34.23 -13.12 -10.85
CA GLU C 77 34.03 -14.55 -10.74
C GLU C 77 33.99 -15.00 -9.29
N ILE C 78 33.79 -16.30 -9.10
CA ILE C 78 33.76 -16.94 -7.79
C ILE C 78 34.69 -18.15 -7.76
N VAL C 79 35.52 -18.27 -6.72
CA VAL C 79 36.49 -19.36 -6.66
C VAL C 79 36.38 -20.07 -5.32
N THR C 80 37.10 -21.19 -5.18
CA THR C 80 37.06 -21.94 -3.93
C THR C 80 38.43 -22.28 -3.36
N ASP C 81 38.45 -22.53 -2.05
CA ASP C 81 39.55 -23.19 -1.36
C ASP C 81 39.90 -24.55 -1.94
N LYS C 82 38.89 -25.27 -2.40
CA LYS C 82 39.07 -26.64 -2.87
C LYS C 82 39.95 -26.74 -4.12
N GLU C 83 41.00 -27.53 -4.02
CA GLU C 83 41.81 -27.90 -5.18
C GLU C 83 40.92 -28.48 -6.27
N GLY C 93 36.36 -26.50 2.20
CA GLY C 93 36.53 -25.62 1.05
C GLY C 93 35.54 -24.48 0.98
N ALA C 94 36.03 -23.26 1.23
CA ALA C 94 35.21 -22.06 1.29
C ALA C 94 35.13 -21.38 -0.07
N PHE C 95 34.20 -20.44 -0.23
CA PHE C 95 34.13 -19.70 -1.50
C PHE C 95 34.71 -18.28 -1.40
N TYR C 96 35.13 -17.73 -2.54
CA TYR C 96 35.65 -16.36 -2.62
C TYR C 96 34.99 -15.60 -3.77
N LEU C 97 34.30 -14.50 -3.43
CA LEU C 97 33.78 -13.59 -4.45
C LEU C 97 34.91 -12.69 -4.97
N VAL C 98 35.12 -12.69 -6.30
CA VAL C 98 36.20 -11.92 -6.94
C VAL C 98 35.72 -10.65 -7.65
N PHE C 99 36.23 -9.50 -7.20
CA PHE C 99 35.91 -8.20 -7.78
C PHE C 99 37.17 -7.53 -8.34
N GLU C 100 37.00 -6.57 -9.24
CA GLU C 100 38.10 -5.70 -9.61
C GLU C 100 38.60 -4.99 -8.35
N TYR C 101 39.92 -4.80 -8.26
CA TYR C 101 40.51 -4.20 -7.08
C TYR C 101 40.34 -2.69 -7.07
N MET C 102 39.87 -2.18 -5.94
CA MET C 102 39.66 -0.75 -5.77
C MET C 102 40.62 -0.22 -4.73
N ASP C 103 41.44 0.75 -5.11
CA ASP C 103 42.52 1.15 -4.25
C ASP C 103 42.07 1.79 -2.96
N HIS C 104 40.84 2.34 -2.94
CA HIS C 104 40.37 3.09 -1.76
C HIS C 104 38.84 2.96 -1.54
N ASP C 105 38.37 3.40 -0.38
CA ASP C 105 36.96 3.71 -0.25
C ASP C 105 36.85 5.13 0.31
N LEU C 106 35.65 5.70 0.22
CA LEU C 106 35.48 7.11 0.53
C LEU C 106 35.71 7.41 1.99
N MET C 107 35.32 6.48 2.85
CA MET C 107 35.50 6.69 4.28
C MET C 107 37.00 6.74 4.58
N GLY C 108 37.74 5.84 3.96
CA GLY C 108 39.17 5.77 4.19
C GLY C 108 39.88 7.03 3.78
N LEU C 109 39.66 7.48 2.55
CA LEU C 109 40.31 8.68 2.03
C LEU C 109 40.05 9.89 2.92
N LEU C 110 38.78 10.11 3.22
CA LEU C 110 38.34 11.23 4.03
C LEU C 110 38.99 11.25 5.39
N GLU C 111 39.19 10.06 5.97
CA GLU C 111 39.77 9.94 7.30
C GLU C 111 41.28 9.84 7.21
N SER C 112 41.82 9.88 6.00
CA SER C 112 43.26 9.83 5.85
C SER C 112 43.88 11.20 6.08
N GLY C 113 43.32 12.22 5.44
CA GLY C 113 43.92 13.54 5.44
C GLY C 113 45.15 13.52 4.56
N LEU C 114 45.09 12.71 3.50
CA LEU C 114 46.18 12.56 2.55
C LEU C 114 45.75 13.18 1.24
N VAL C 115 44.49 13.61 1.19
CA VAL C 115 43.94 14.16 -0.04
C VAL C 115 43.00 15.31 0.28
N HIS C 116 42.88 16.25 -0.66
CA HIS C 116 41.85 17.30 -0.58
C HIS C 116 41.02 17.22 -1.85
N PHE C 117 39.71 17.12 -1.68
CA PHE C 117 38.78 17.10 -2.80
C PHE C 117 38.24 18.50 -3.00
N ASN C 118 38.65 19.17 -4.08
CA ASN C 118 38.08 20.46 -4.42
C ASN C 118 36.78 20.26 -5.19
N GLU C 119 36.14 21.37 -5.57
CA GLU C 119 34.86 21.32 -6.24
C GLU C 119 34.84 20.41 -7.48
N ASN C 120 35.93 20.39 -8.23
CA ASN C 120 35.94 19.62 -9.48
C ASN C 120 36.03 18.13 -9.25
N HIS C 121 36.65 17.74 -8.14
CA HIS C 121 36.69 16.34 -7.73
C HIS C 121 35.29 15.88 -7.30
N ILE C 122 34.64 16.73 -6.51
CA ILE C 122 33.30 16.44 -6.05
C ILE C 122 32.38 16.36 -7.26
N LYS C 123 32.56 17.29 -8.21
CA LYS C 123 31.85 17.22 -9.49
C LYS C 123 31.95 15.84 -10.12
N SER C 124 33.17 15.34 -10.30
CA SER C 124 33.39 14.05 -10.93
C SER C 124 32.80 12.90 -10.10
N PHE C 125 33.08 12.90 -8.80
CA PHE C 125 32.60 11.84 -7.91
C PHE C 125 31.07 11.72 -7.95
N MET C 126 30.39 12.85 -7.77
CA MET C 126 28.93 12.87 -7.70
C MET C 126 28.30 12.51 -9.03
N ARG C 127 28.91 12.98 -10.12
CA ARG C 127 28.43 12.63 -11.45
C ARG C 127 28.45 11.13 -11.64
N GLN C 128 29.58 10.51 -11.28
CA GLN C 128 29.74 9.06 -11.45
C GLN C 128 28.80 8.27 -10.53
N LEU C 129 28.74 8.69 -9.27
CA LEU C 129 27.91 8.02 -8.29
C LEU C 129 26.42 8.12 -8.67
N MET C 130 26.02 9.28 -9.19
CA MET C 130 24.65 9.49 -9.65
C MET C 130 24.34 8.68 -10.88
N GLU C 131 25.30 8.53 -11.79
CA GLU C 131 25.03 7.75 -12.99
C GLU C 131 24.83 6.29 -12.58
N GLY C 132 25.64 5.85 -11.62
CA GLY C 132 25.50 4.50 -11.08
C GLY C 132 24.16 4.28 -10.38
N LEU C 133 23.75 5.22 -9.55
CA LEU C 133 22.50 5.08 -8.79
C LEU C 133 21.30 5.13 -9.73
N ASP C 134 21.40 5.95 -10.77
CA ASP C 134 20.37 6.05 -11.78
C ASP C 134 20.19 4.73 -12.56
N TYR C 135 21.29 4.11 -12.95
CA TYR C 135 21.23 2.81 -13.63
C TYR C 135 20.57 1.80 -12.73
N CYS C 136 20.98 1.82 -11.47
CA CYS C 136 20.50 0.85 -10.49
C CYS C 136 19.01 1.01 -10.20
N HIS C 137 18.54 2.25 -10.20
CA HIS C 137 17.13 2.49 -9.89
C HIS C 137 16.26 2.09 -11.09
N LYS C 138 16.77 2.32 -12.30
CA LYS C 138 16.03 1.96 -13.52
C LYS C 138 16.09 0.46 -13.85
N LYS C 139 16.96 -0.28 -13.18
CA LYS C 139 16.91 -1.74 -13.19
C LYS C 139 16.03 -2.25 -12.04
N ASN C 140 15.25 -1.34 -11.49
CA ASN C 140 14.38 -1.59 -10.34
C ASN C 140 15.04 -2.21 -9.12
N PHE C 141 16.14 -1.63 -8.66
CA PHE C 141 16.78 -2.03 -7.41
C PHE C 141 16.93 -0.83 -6.49
N LEU C 142 16.65 -1.04 -5.21
CA LEU C 142 17.06 -0.11 -4.15
C LEU C 142 18.37 -0.60 -3.56
N HIS C 143 19.27 0.33 -3.23
CA HIS C 143 20.54 -0.11 -2.68
C HIS C 143 20.43 -0.27 -1.18
N ARG C 144 19.92 0.76 -0.51
CA ARG C 144 19.58 0.72 0.91
C ARG C 144 20.74 0.63 1.89
N ASP C 145 21.96 0.87 1.43
CA ASP C 145 23.05 0.94 2.41
C ASP C 145 24.13 1.86 1.88
N ILE C 146 23.71 2.95 1.26
CA ILE C 146 24.68 3.90 0.75
C ILE C 146 25.36 4.64 1.90
N LYS C 147 26.70 4.59 1.90
CA LYS C 147 27.54 5.33 2.83
C LYS C 147 28.96 5.31 2.31
N CYS C 148 29.84 6.09 2.94
CA CYS C 148 31.14 6.38 2.34
C CYS C 148 31.98 5.09 2.16
N SER C 149 31.95 4.17 3.14
CA SER C 149 32.74 2.94 3.01
C SER C 149 32.22 2.03 1.90
N ASN C 150 31.01 2.30 1.41
CA ASN C 150 30.40 1.45 0.39
C ASN C 150 30.48 2.09 -0.98
N ILE C 151 31.28 3.16 -1.05
CA ILE C 151 31.67 3.81 -2.29
C ILE C 151 33.19 3.68 -2.50
N LEU C 152 33.59 2.95 -3.55
CA LEU C 152 34.99 2.69 -3.81
C LEU C 152 35.55 3.68 -4.82
N LEU C 153 36.86 3.92 -4.76
CA LEU C 153 37.51 4.82 -5.70
C LEU C 153 38.89 4.27 -6.05
N ASN C 154 39.18 4.09 -7.33
CA ASN C 154 40.52 3.59 -7.72
C ASN C 154 41.44 4.75 -7.97
N ASN C 155 42.72 4.47 -8.20
CA ASN C 155 43.70 5.52 -8.37
C ASN C 155 43.54 6.25 -9.71
N ARG C 156 42.84 5.62 -10.65
CA ARG C 156 42.51 6.30 -11.90
C ARG C 156 41.41 7.34 -11.68
N GLY C 157 40.77 7.29 -10.51
CA GLY C 157 39.79 8.30 -10.14
C GLY C 157 38.37 7.87 -10.45
N GLN C 158 38.18 6.56 -10.65
CA GLN C 158 36.87 6.02 -11.00
C GLN C 158 36.08 5.61 -9.75
N ILE C 159 34.87 6.13 -9.64
CA ILE C 159 33.95 5.75 -8.57
C ILE C 159 33.19 4.46 -8.89
N LYS C 160 33.15 3.53 -7.94
CA LYS C 160 32.19 2.45 -8.04
C LYS C 160 31.37 2.28 -6.76
N LEU C 161 30.06 2.19 -6.96
CA LEU C 161 29.12 1.88 -5.89
C LEU C 161 29.20 0.41 -5.55
N ALA C 162 29.26 0.09 -4.27
CA ALA C 162 29.54 -1.29 -3.86
C ALA C 162 28.72 -1.71 -2.64
N ASP C 163 28.89 -2.98 -2.26
CA ASP C 163 28.15 -3.58 -1.15
C ASP C 163 26.64 -3.89 -1.16
N PHE C 164 26.20 -4.58 -2.21
CA PHE C 164 24.80 -4.74 -2.54
C PHE C 164 24.12 -5.74 -1.61
N GLY C 165 24.76 -6.01 -0.48
CA GLY C 165 24.29 -7.01 0.46
C GLY C 165 22.90 -6.77 1.04
N LEU C 166 22.43 -5.52 0.98
CA LEU C 166 21.11 -5.15 1.50
C LEU C 166 20.18 -4.64 0.41
N ALA C 167 20.62 -4.72 -0.83
CA ALA C 167 19.78 -4.26 -1.92
C ALA C 167 18.56 -5.18 -2.11
N ARG C 168 17.57 -4.70 -2.84
CA ARG C 168 16.42 -5.53 -3.21
C ARG C 168 15.63 -4.93 -4.35
N LEU C 169 14.90 -5.79 -5.07
CA LEU C 169 13.93 -5.34 -6.07
C LEU C 169 12.82 -4.50 -5.45
N TYR C 170 12.36 -3.50 -6.17
CA TYR C 170 11.16 -2.77 -5.77
C TYR C 170 10.19 -2.71 -6.92
N SER C 171 8.91 -2.66 -6.60
CA SER C 171 7.86 -2.52 -7.60
C SER C 171 7.56 -1.04 -7.81
N SER C 172 7.65 -0.57 -9.05
CA SER C 172 7.27 0.80 -9.37
C SER C 172 5.96 0.82 -10.14
N GLU C 173 5.40 -0.37 -10.41
CA GLU C 173 4.05 -0.46 -10.91
C GLU C 173 3.09 -0.48 -9.72
N GLU C 174 3.27 -1.46 -8.84
CA GLU C 174 2.54 -1.55 -7.57
C GLU C 174 3.45 -0.95 -6.48
N SER C 175 2.94 -0.87 -5.25
CA SER C 175 3.71 -0.40 -4.10
C SER C 175 3.53 -1.35 -2.93
N ARG C 176 4.56 -2.12 -2.64
CA ARG C 176 4.43 -3.15 -1.62
C ARG C 176 5.40 -2.97 -0.45
N PRO C 177 5.14 -3.64 0.70
CA PRO C 177 5.89 -3.24 1.91
C PRO C 177 7.31 -3.82 1.98
N TYR C 178 8.25 -2.99 2.45
CA TYR C 178 9.67 -3.36 2.56
C TYR C 178 10.13 -3.14 4.00
N ASN C 180 11.90 -1.79 7.17
CA ASN C 180 12.00 -0.38 7.51
C ASN C 180 13.38 0.07 7.97
N LYS C 181 14.00 -0.68 8.88
CA LYS C 181 15.33 -0.35 9.36
C LYS C 181 16.40 -0.88 8.38
N VAL C 182 16.81 -0.07 7.40
CA VAL C 182 17.69 -0.60 6.32
C VAL C 182 19.04 0.10 6.06
N ILE C 183 19.04 1.43 6.03
CA ILE C 183 20.26 2.22 5.82
C ILE C 183 20.88 2.52 7.19
N THR C 184 22.22 2.64 7.27
CA THR C 184 22.88 3.02 8.53
C THR C 184 22.33 4.39 9.01
N LEU C 185 22.28 4.60 10.33
CA LEU C 185 21.50 5.72 10.91
C LEU C 185 21.86 7.10 10.36
N TRP C 186 23.15 7.41 10.29
CA TRP C 186 23.59 8.74 9.85
C TRP C 186 23.21 9.05 8.41
N TYR C 187 22.78 8.05 7.64
CA TYR C 187 22.46 8.26 6.24
C TYR C 187 20.97 7.94 5.99
N ARG C 188 20.24 7.66 7.06
CA ARG C 188 18.83 7.26 6.93
C ARG C 188 17.92 8.48 6.81
N PRO C 189 17.08 8.51 5.77
CA PRO C 189 16.10 9.58 5.48
C PRO C 189 14.97 9.73 6.50
N PRO C 190 14.36 10.92 6.57
CA PRO C 190 13.30 11.16 7.56
C PRO C 190 12.12 10.17 7.47
N GLU C 191 11.72 9.78 6.26
CA GLU C 191 10.54 8.91 6.11
C GLU C 191 10.74 7.55 6.78
N LEU C 192 11.95 7.00 6.68
CA LEU C 192 12.30 5.78 7.41
C LEU C 192 12.26 6.03 8.92
N LEU C 193 12.84 7.15 9.34
CA LEU C 193 12.95 7.44 10.76
C LEU C 193 11.57 7.57 11.40
N LEU C 194 10.56 7.94 10.61
CA LEU C 194 9.19 8.04 11.09
C LEU C 194 8.37 6.78 10.81
N GLY C 195 9.02 5.77 10.26
CA GLY C 195 8.41 4.45 10.15
C GLY C 195 7.79 4.03 8.83
N GLU C 196 8.12 4.71 7.75
CA GLU C 196 7.60 4.31 6.45
C GLU C 196 8.08 2.91 6.07
N GLU C 197 7.18 2.10 5.52
CA GLU C 197 7.55 0.78 4.99
C GLU C 197 7.26 0.63 3.50
N ARG C 198 6.55 1.56 2.91
CA ARG C 198 6.34 1.42 1.50
C ARG C 198 7.00 2.63 0.97
N TYR C 199 8.31 2.56 0.97
CA TYR C 199 9.14 3.68 0.55
C TYR C 199 9.63 3.57 -0.88
N THR C 200 10.39 4.57 -1.32
CA THR C 200 10.72 4.71 -2.73
C THR C 200 12.27 4.74 -2.90
N PRO C 201 12.77 4.78 -4.14
CA PRO C 201 14.24 4.94 -4.32
C PRO C 201 14.75 6.29 -3.84
N ALA C 202 13.82 7.17 -3.46
CA ALA C 202 14.18 8.46 -2.88
C ALA C 202 15.00 8.26 -1.61
N ILE C 203 14.96 7.07 -1.02
CA ILE C 203 15.70 6.87 0.20
C ILE C 203 17.21 6.82 -0.07
N ASP C 204 17.61 6.39 -1.27
CA ASP C 204 19.04 6.32 -1.66
C ASP C 204 19.59 7.69 -2.01
N VAL C 205 18.73 8.51 -2.61
CA VAL C 205 19.10 9.87 -2.98
C VAL C 205 19.41 10.71 -1.74
N TRP C 206 18.60 10.56 -0.68
CA TRP C 206 18.88 11.24 0.59
C TRP C 206 20.27 10.87 1.10
N SER C 207 20.57 9.58 1.04
CA SER C 207 21.88 9.08 1.47
C SER C 207 22.97 9.77 0.67
N CYS C 208 22.78 9.87 -0.64
CA CYS C 208 23.77 10.52 -1.50
C CYS C 208 23.88 12.02 -1.19
N GLY C 209 22.76 12.64 -0.83
CA GLY C 209 22.79 14.04 -0.43
C GLY C 209 23.67 14.24 0.79
N CYS C 210 23.59 13.31 1.74
CA CYS C 210 24.47 13.32 2.89
C CYS C 210 25.94 13.20 2.44
N ILE C 211 26.18 12.35 1.44
CA ILE C 211 27.55 12.15 0.93
C ILE C 211 28.05 13.46 0.36
N LEU C 212 27.19 14.09 -0.45
CA LEU C 212 27.49 15.34 -1.11
C LEU C 212 27.91 16.40 -0.09
N GLY C 213 27.17 16.47 1.01
CA GLY C 213 27.53 17.36 2.09
C GLY C 213 28.85 16.98 2.74
N GLU C 214 29.05 15.68 2.95
CA GLU C 214 30.20 15.17 3.70
C GLU C 214 31.50 15.35 2.94
N LEU C 215 31.40 15.46 1.62
CA LEU C 215 32.56 15.72 0.78
C LEU C 215 32.97 17.20 0.90
N PHE C 216 32.02 18.07 1.24
CA PHE C 216 32.31 19.49 1.39
C PHE C 216 32.71 19.82 2.82
N THR C 217 32.17 19.09 3.78
CA THR C 217 32.61 19.21 5.16
C THR C 217 33.64 18.10 5.42
N LYS C 218 34.17 18.05 6.63
CA LYS C 218 35.13 17.00 6.95
C LYS C 218 34.39 15.69 7.25
N LYS C 219 33.38 15.80 8.11
CA LYS C 219 32.72 14.64 8.71
C LYS C 219 31.30 14.42 8.17
N PRO C 220 30.68 13.27 8.52
CA PRO C 220 29.26 13.11 8.21
C PRO C 220 28.42 14.25 8.83
N ILE C 221 27.36 14.64 8.14
CA ILE C 221 26.61 15.85 8.47
C ILE C 221 25.52 15.66 9.53
N PHE C 222 25.09 14.43 9.76
CA PHE C 222 24.10 14.14 10.79
C PHE C 222 24.54 12.98 11.66
N GLN C 223 25.12 13.26 12.83
CA GLN C 223 25.62 12.18 13.71
C GLN C 223 24.89 12.09 15.05
N ALA C 224 24.03 11.09 15.20
CA ALA C 224 23.37 10.81 16.47
C ALA C 224 23.39 9.31 16.74
N ASN C 225 22.94 8.89 17.92
CA ASN C 225 23.03 7.48 18.29
C ASN C 225 21.69 6.76 18.41
N GLN C 226 20.60 7.51 18.35
CA GLN C 226 19.25 6.93 18.36
C GLN C 226 18.36 7.61 17.32
N GLU C 227 17.29 6.95 16.92
CA GLU C 227 16.41 7.47 15.86
C GLU C 227 15.77 8.83 16.20
N LEU C 228 15.36 9.03 17.45
CA LEU C 228 14.74 10.30 17.81
C LEU C 228 15.76 11.43 17.73
N ALA C 229 16.92 11.19 18.33
CA ALA C 229 17.98 12.20 18.33
C ALA C 229 18.43 12.49 16.90
N GLN C 230 18.45 11.45 16.07
CA GLN C 230 18.83 11.60 14.67
C GLN C 230 17.83 12.47 13.92
N LEU C 231 16.55 12.16 14.09
CA LEU C 231 15.47 12.97 13.53
C LEU C 231 15.57 14.40 14.03
N GLU C 232 15.93 14.53 15.30
CA GLU C 232 16.08 15.84 15.91
C GLU C 232 17.18 16.64 15.19
N LEU C 233 18.37 16.05 15.04
CA LEU C 233 19.48 16.67 14.29
C LEU C 233 19.12 17.10 12.87
N ILE C 234 18.50 16.19 12.13
CA ILE C 234 17.98 16.49 10.80
C ILE C 234 17.06 17.71 10.82
N SER C 235 16.07 17.70 11.71
CA SER C 235 15.06 18.76 11.78
C SER C 235 15.60 20.17 12.08
N ARG C 236 16.60 20.29 12.95
CA ARG C 236 17.13 21.60 13.32
C ARG C 236 17.91 22.22 12.17
N ILE C 237 18.07 21.48 11.09
CA ILE C 237 18.82 21.98 9.94
C ILE C 237 17.96 22.01 8.69
N CYS C 238 17.16 20.96 8.48
CA CYS C 238 16.34 20.85 7.28
C CYS C 238 14.92 21.35 7.51
N GLY C 239 14.60 21.66 8.77
CA GLY C 239 13.25 22.05 9.17
C GLY C 239 12.49 20.84 9.69
N SER C 240 11.56 21.08 10.61
CA SER C 240 10.73 20.00 11.13
C SER C 240 9.79 19.45 10.07
N PRO C 241 9.57 18.13 10.06
CA PRO C 241 8.54 17.56 9.18
C PRO C 241 7.18 18.14 9.55
N CYS C 242 6.44 18.59 8.55
CA CYS C 242 5.14 19.18 8.78
C CYS C 242 4.36 19.21 7.48
N PRO C 243 3.01 19.23 7.58
CA PRO C 243 2.21 19.12 6.36
C PRO C 243 2.49 20.26 5.40
N ALA C 244 2.93 21.39 5.92
CA ALA C 244 3.18 22.57 5.08
C ALA C 244 4.23 22.31 4.00
N VAL C 245 5.26 21.53 4.33
CA VAL C 245 6.26 21.11 3.35
C VAL C 245 6.11 19.65 2.93
N TRP C 246 5.23 18.92 3.62
CA TRP C 246 5.18 17.47 3.46
C TRP C 246 3.83 16.92 3.87
N PRO C 247 2.83 17.08 2.99
CA PRO C 247 1.42 16.76 3.29
C PRO C 247 1.19 15.34 3.82
N ASP C 248 1.80 14.33 3.18
CA ASP C 248 1.59 12.93 3.56
C ASP C 248 2.31 12.51 4.84
N VAL C 249 3.04 13.43 5.47
CA VAL C 249 3.77 13.10 6.69
C VAL C 249 2.85 12.69 7.85
N ILE C 250 1.60 13.19 7.86
CA ILE C 250 0.68 12.92 8.98
C ILE C 250 0.23 11.47 8.96
N LYS C 251 0.40 10.82 7.82
CA LYS C 251 0.08 9.41 7.63
C LYS C 251 1.19 8.45 8.13
N LEU C 252 2.25 8.98 8.71
CA LEU C 252 3.37 8.13 9.12
C LEU C 252 3.20 7.68 10.55
N PRO C 253 3.37 6.37 10.79
CA PRO C 253 3.21 5.68 12.08
C PRO C 253 3.77 6.45 13.27
N TYR C 254 4.92 7.10 13.09
CA TYR C 254 5.62 7.71 14.23
C TYR C 254 5.65 9.23 14.19
N PHE C 255 4.84 9.84 13.33
CA PHE C 255 4.86 11.28 13.19
C PHE C 255 4.51 11.96 14.52
N ASN C 256 3.46 11.45 15.18
CA ASN C 256 2.99 12.01 16.44
C ASN C 256 3.93 11.71 17.62
N THR C 257 4.45 10.50 17.67
CA THR C 257 5.29 10.07 18.80
C THR C 257 6.71 10.61 18.77
N MET C 258 7.19 10.97 17.58
CA MET C 258 8.60 11.36 17.41
C MET C 258 8.79 12.84 17.06
N LYS C 259 7.77 13.65 17.32
CA LYS C 259 7.86 15.09 17.13
C LYS C 259 9.09 15.68 17.84
N PRO C 260 9.91 16.45 17.10
CA PRO C 260 11.13 17.11 17.59
C PRO C 260 10.87 18.11 18.70
N LYS C 261 11.94 18.62 19.30
CA LYS C 261 11.85 19.61 20.37
C LYS C 261 11.05 20.85 19.94
N LYS C 262 11.45 21.43 18.81
CA LYS C 262 10.76 22.60 18.28
C LYS C 262 10.21 22.24 16.90
N GLN C 263 9.37 23.08 16.32
CA GLN C 263 9.07 22.99 14.89
C GLN C 263 10.03 23.90 14.12
N TYR C 264 11.24 23.40 13.86
CA TYR C 264 12.33 24.19 13.26
C TYR C 264 12.08 24.64 11.83
N ARG C 265 12.60 25.83 11.50
CA ARG C 265 12.65 26.31 10.11
C ARG C 265 13.95 25.85 9.41
N ARG C 266 13.83 25.57 8.12
CA ARG C 266 14.98 25.14 7.31
C ARG C 266 16.06 26.22 7.35
N LYS C 267 17.32 25.81 7.57
CA LYS C 267 18.43 26.74 7.64
C LYS C 267 19.64 26.12 6.94
N LEU C 268 19.34 25.22 6.02
CA LEU C 268 20.33 24.44 5.28
C LEU C 268 21.28 25.34 4.48
N ARG C 269 20.73 26.39 3.85
CA ARG C 269 21.53 27.23 2.98
C ARG C 269 22.40 28.22 3.74
N GLU C 270 22.12 28.39 5.03
CA GLU C 270 22.91 29.30 5.84
C GLU C 270 24.00 28.51 6.54
N GLU C 271 23.64 27.33 7.05
CA GLU C 271 24.63 26.52 7.77
C GLU C 271 25.66 25.88 6.84
N PHE C 272 25.35 25.81 5.55
CA PHE C 272 26.31 25.30 4.59
C PHE C 272 26.63 26.37 3.55
N VAL C 273 26.90 27.57 4.04
CA VAL C 273 27.17 28.71 3.19
C VAL C 273 28.55 28.60 2.53
N PHE C 274 29.43 27.76 3.08
CA PHE C 274 30.74 27.53 2.48
C PHE C 274 30.58 26.75 1.19
N ILE C 275 29.52 25.95 1.12
CA ILE C 275 29.26 25.18 -0.09
C ILE C 275 28.87 26.11 -1.24
N PRO C 276 29.53 25.96 -2.40
CA PRO C 276 29.27 26.71 -3.63
C PRO C 276 27.79 26.68 -4.04
N ALA C 277 27.35 27.66 -4.83
CA ALA C 277 25.93 27.84 -5.15
C ALA C 277 25.29 26.66 -5.89
N ALA C 278 25.83 26.26 -7.03
CA ALA C 278 25.24 25.16 -7.79
C ALA C 278 25.17 23.88 -6.96
N ALA C 279 26.28 23.59 -6.27
CA ALA C 279 26.39 22.44 -5.38
C ALA C 279 25.35 22.53 -4.28
N LEU C 280 25.24 23.71 -3.69
CA LEU C 280 24.28 23.92 -2.63
C LEU C 280 22.87 23.68 -3.16
N ASP C 281 22.60 24.11 -4.39
CA ASP C 281 21.28 23.90 -5.01
C ASP C 281 20.92 22.41 -5.10
N LEU C 282 21.89 21.60 -5.49
CA LEU C 282 21.70 20.15 -5.58
C LEU C 282 21.48 19.53 -4.19
N PHE C 283 22.36 19.92 -3.27
CA PHE C 283 22.34 19.52 -1.88
C PHE C 283 20.94 19.74 -1.31
N ASP C 284 20.48 20.98 -1.46
CA ASP C 284 19.14 21.37 -1.09
C ASP C 284 18.13 20.39 -1.68
N TYR C 285 18.20 20.17 -2.99
CA TYR C 285 17.15 19.41 -3.67
C TYR C 285 17.22 17.93 -3.20
N MET C 286 18.43 17.42 -2.97
CA MET C 286 18.57 16.04 -2.52
C MET C 286 18.10 15.81 -1.09
N LEU C 287 18.14 16.85 -0.26
CA LEU C 287 17.72 16.69 1.12
C LEU C 287 16.30 17.29 1.36
N ALA C 288 15.43 17.22 0.36
CA ALA C 288 14.01 17.58 0.61
C ALA C 288 13.41 16.57 1.59
N LEU C 289 12.76 17.03 2.65
CA LEU C 289 12.13 16.13 3.60
C LEU C 289 11.09 15.23 2.96
N ASP C 290 10.26 15.80 2.11
CA ASP C 290 9.22 15.06 1.41
C ASP C 290 9.83 14.30 0.26
N PRO C 291 9.81 12.95 0.32
CA PRO C 291 10.42 12.10 -0.70
C PRO C 291 9.92 12.41 -2.09
N SER C 292 8.69 12.91 -2.22
CA SER C 292 8.11 13.26 -3.52
C SER C 292 8.65 14.58 -4.04
N LYS C 293 9.23 15.38 -3.17
CA LYS C 293 9.87 16.63 -3.59
C LYS C 293 11.39 16.43 -3.79
N ARG C 294 11.89 15.28 -3.38
CA ARG C 294 13.32 14.97 -3.48
C ARG C 294 13.65 14.59 -4.93
N CYS C 295 14.78 15.07 -5.47
CA CYS C 295 15.12 14.73 -6.86
C CYS C 295 15.30 13.23 -7.06
N THR C 296 15.04 12.80 -8.29
CA THR C 296 15.41 11.46 -8.74
C THR C 296 16.90 11.50 -9.09
N ALA C 297 17.53 10.33 -9.27
CA ALA C 297 18.92 10.32 -9.73
C ALA C 297 19.03 11.02 -11.08
N GLU C 298 18.06 10.74 -11.96
CA GLU C 298 18.01 11.34 -13.30
C GLU C 298 17.90 12.86 -13.21
N GLN C 299 17.17 13.36 -12.23
CA GLN C 299 17.00 14.79 -12.05
C GLN C 299 18.27 15.43 -11.46
N ALA C 300 18.95 14.68 -10.58
CA ALA C 300 20.21 15.13 -10.01
C ALA C 300 21.23 15.39 -11.09
N LEU C 301 21.21 14.52 -12.11
CA LEU C 301 22.21 14.53 -13.15
C LEU C 301 21.96 15.64 -14.17
N GLN C 302 20.73 16.16 -14.17
CA GLN C 302 20.35 17.24 -15.07
C GLN C 302 20.53 18.62 -14.45
N CYS C 303 20.82 18.66 -13.15
CA CYS C 303 21.07 19.92 -12.44
C CYS C 303 22.31 20.64 -12.95
N GLU C 304 22.41 21.93 -12.65
CA GLU C 304 23.52 22.78 -13.12
C GLU C 304 24.90 22.23 -12.67
N PHE C 305 24.96 21.75 -11.44
CA PHE C 305 26.22 21.30 -10.86
C PHE C 305 26.82 20.11 -11.60
N LEU C 306 25.98 19.34 -12.28
CA LEU C 306 26.45 18.10 -12.89
C LEU C 306 26.12 17.95 -14.38
N ARG C 307 25.24 18.82 -14.89
CA ARG C 307 24.72 18.69 -16.26
C ARG C 307 25.82 18.50 -17.28
N ASP C 308 26.86 19.33 -17.19
CA ASP C 308 27.92 19.35 -18.20
C ASP C 308 29.15 18.52 -17.82
N VAL C 309 29.14 17.97 -16.61
CA VAL C 309 30.32 17.29 -16.08
C VAL C 309 30.65 15.98 -16.82
N GLU C 310 31.86 15.91 -17.36
CA GLU C 310 32.34 14.73 -18.09
C GLU C 310 33.59 14.16 -17.41
N PRO C 311 33.41 13.19 -16.49
CA PRO C 311 34.46 12.64 -15.62
C PRO C 311 35.70 12.07 -16.33
N SER C 312 35.56 11.54 -17.54
CA SER C 312 36.70 10.92 -18.22
C SER C 312 37.69 11.97 -18.69
N LYS C 313 37.20 13.19 -18.91
CA LYS C 313 38.04 14.27 -19.41
C LYS C 313 38.57 15.12 -18.27
N MET C 314 38.37 14.67 -17.04
CA MET C 314 38.84 15.39 -15.86
C MET C 314 39.97 14.60 -15.19
N PRO C 315 40.99 15.31 -14.70
CA PRO C 315 42.14 14.66 -14.05
C PRO C 315 41.77 14.09 -12.69
N PRO C 316 42.33 12.92 -12.34
CA PRO C 316 42.06 12.32 -11.04
C PRO C 316 42.61 13.20 -9.93
N PRO C 317 42.05 13.09 -8.71
CA PRO C 317 42.63 13.84 -7.59
C PRO C 317 44.00 13.25 -7.26
N ASP C 318 44.81 13.95 -6.46
CA ASP C 318 46.12 13.40 -6.17
C ASP C 318 45.98 12.35 -5.07
N LEU C 319 45.78 11.10 -5.49
CA LEU C 319 45.57 9.99 -4.58
C LEU C 319 46.91 9.39 -4.14
N PRO C 320 46.99 8.96 -2.87
CA PRO C 320 48.18 8.25 -2.37
C PRO C 320 48.36 6.93 -3.09
N LEU C 321 49.43 6.82 -3.88
CA LEU C 321 49.69 5.56 -4.60
C LEU C 321 50.37 4.55 -3.69
N TRP C 322 50.78 4.98 -2.50
CA TRP C 322 51.58 4.14 -1.63
C TRP C 322 50.76 3.59 -0.49
N GLN C 323 49.51 4.02 -0.42
CA GLN C 323 48.67 3.64 0.68
C GLN C 323 47.25 3.44 0.21
N ASP C 324 46.75 2.20 0.30
CA ASP C 324 45.38 1.92 -0.08
C ASP C 324 44.45 2.39 1.06
N CYS C 325 43.75 3.49 0.83
CA CYS C 325 42.95 4.09 1.90
C CYS C 325 41.57 3.46 2.03
N HIS C 326 41.52 2.39 2.81
CA HIS C 326 40.30 1.67 3.14
C HIS C 326 39.86 1.90 4.61
N GLU C 327 38.58 1.66 4.89
CA GLU C 327 38.00 1.87 6.23
C GLU C 327 38.76 1.13 7.33
N LEU C 328 39.12 -0.11 7.08
CA LEU C 328 39.82 -0.93 8.06
C LEU C 328 41.19 -0.31 8.40
N TRP C 329 41.91 0.10 7.36
CA TRP C 329 43.21 0.74 7.53
C TRP C 329 43.07 2.02 8.36
N SER C 330 42.00 2.77 8.12
CA SER C 330 41.74 3.99 8.90
C SER C 330 41.48 3.71 10.37
N LYS C 331 40.62 2.73 10.64
CA LYS C 331 40.24 2.44 12.02
C LYS C 331 41.39 1.76 12.76
N LYS C 332 42.30 1.14 12.00
CA LYS C 332 43.54 0.61 12.54
C LYS C 332 44.50 1.74 12.94
N ARG C 333 44.60 2.75 12.10
CA ARG C 333 45.50 3.87 12.33
C ARG C 333 44.93 4.74 13.45
N ARG C 334 43.60 4.74 13.57
CA ARG C 334 42.93 5.46 14.66
C ARG C 334 43.15 4.77 16.01
N ARG C 335 43.56 3.51 15.97
CA ARG C 335 43.90 2.78 17.19
C ARG C 335 45.29 3.18 17.69
N GLN C 336 46.25 3.28 16.77
CA GLN C 336 47.55 3.86 17.10
C GLN C 336 47.40 5.33 17.50
N LYS C 337 46.40 6.00 16.92
CA LYS C 337 46.07 7.38 17.27
C LYS C 337 45.56 7.51 18.70
N GLN C 338 44.66 6.62 19.09
CA GLN C 338 44.14 6.62 20.46
C GLN C 338 45.20 6.13 21.43
N MET C 339 46.04 5.21 20.96
CA MET C 339 47.12 4.67 21.79
C MET C 339 48.49 5.09 21.26
N LYS D 22 25.91 -14.85 -18.74
CA LYS D 22 25.18 -16.06 -18.40
C LYS D 22 25.59 -17.25 -19.28
N PRO D 23 25.67 -18.45 -18.69
CA PRO D 23 25.97 -19.72 -19.37
C PRO D 23 24.78 -20.21 -20.19
N CYS D 24 24.98 -21.25 -21.00
CA CYS D 24 23.88 -21.86 -21.75
C CYS D 24 23.28 -23.04 -21.01
N TRP D 25 21.98 -23.00 -20.78
CA TRP D 25 21.29 -24.04 -20.01
C TRP D 25 20.25 -24.82 -20.82
N TYR D 26 20.44 -24.93 -22.13
CA TYR D 26 19.51 -25.66 -22.97
C TYR D 26 20.22 -26.70 -23.84
N TRP D 27 19.70 -27.92 -23.84
CA TRP D 27 20.30 -29.06 -24.55
C TRP D 27 19.31 -29.60 -25.60
N ASP D 28 19.81 -30.23 -26.66
CA ASP D 28 18.90 -30.88 -27.61
C ASP D 28 18.65 -32.34 -27.18
N LYS D 29 17.83 -33.05 -27.94
CA LYS D 29 17.52 -34.46 -27.68
C LYS D 29 18.78 -35.34 -27.72
N LYS D 30 19.71 -35.04 -28.62
CA LYS D 30 20.94 -35.82 -28.69
C LYS D 30 21.68 -35.72 -27.36
N ASP D 31 21.91 -34.49 -26.92
CA ASP D 31 22.53 -34.24 -25.62
C ASP D 31 21.81 -34.98 -24.49
N LEU D 32 20.48 -34.96 -24.50
CA LEU D 32 19.70 -35.54 -23.40
C LEU D 32 19.78 -37.07 -23.35
N ALA D 33 20.21 -37.69 -24.45
CA ALA D 33 20.40 -39.14 -24.48
C ALA D 33 21.82 -39.52 -24.06
N HIS D 34 22.65 -38.51 -23.83
CA HIS D 34 24.02 -38.71 -23.39
C HIS D 34 24.29 -37.99 -22.08
N THR D 35 23.34 -38.07 -21.16
CA THR D 35 23.52 -37.50 -19.83
C THR D 35 24.55 -38.36 -19.11
N PRO D 36 25.17 -37.82 -18.02
CA PRO D 36 26.12 -38.66 -17.27
C PRO D 36 25.50 -39.97 -16.78
N SER D 37 24.19 -39.95 -16.54
CA SER D 37 23.49 -41.14 -16.08
C SER D 37 23.39 -42.21 -17.20
N GLN D 38 23.01 -41.81 -18.43
CA GLN D 38 22.97 -42.76 -19.55
C GLN D 38 24.40 -43.32 -19.84
N LEU D 39 25.39 -42.46 -19.68
CA LEU D 39 26.77 -42.84 -19.98
C LEU D 39 27.26 -43.95 -19.06
N GLU D 40 26.77 -43.93 -17.83
CA GLU D 40 27.06 -45.00 -16.88
C GLU D 40 26.05 -46.15 -17.01
N GLY D 41 25.33 -46.20 -18.13
CA GLY D 41 24.48 -47.33 -18.41
C GLY D 41 23.06 -47.29 -17.86
N LEU D 42 22.66 -46.19 -17.23
CA LEU D 42 21.28 -46.08 -16.78
C LEU D 42 20.38 -45.98 -18.00
N ASP D 43 19.34 -46.83 -18.05
CA ASP D 43 18.38 -46.79 -19.14
C ASP D 43 17.58 -45.47 -19.13
N PRO D 44 17.25 -44.94 -20.32
CA PRO D 44 16.48 -43.71 -20.50
C PRO D 44 15.18 -43.69 -19.68
N ALA D 45 14.51 -44.84 -19.60
CA ALA D 45 13.24 -44.89 -18.87
C ALA D 45 13.47 -44.77 -17.35
N THR D 46 14.56 -45.33 -16.85
CA THR D 46 14.85 -45.23 -15.41
C THR D 46 15.26 -43.82 -15.07
N GLU D 47 15.99 -43.17 -15.98
CA GLU D 47 16.39 -41.81 -15.66
C GLU D 47 15.19 -40.88 -15.69
N ALA D 48 14.30 -41.09 -16.64
CA ALA D 48 13.05 -40.33 -16.70
C ALA D 48 12.21 -40.48 -15.43
N ARG D 49 12.11 -41.68 -14.89
CA ARG D 49 11.41 -41.91 -13.61
C ARG D 49 12.16 -41.28 -12.45
N TYR D 50 13.49 -41.40 -12.44
CA TYR D 50 14.28 -40.79 -11.39
C TYR D 50 14.05 -39.28 -11.32
N ARG D 51 13.99 -38.63 -12.49
CA ARG D 51 13.69 -37.20 -12.51
C ARG D 51 12.26 -36.87 -12.06
N ARG D 52 11.27 -37.68 -12.44
CA ARG D 52 9.87 -37.48 -11.97
C ARG D 52 9.78 -37.55 -10.46
N GLU D 53 10.35 -38.61 -9.90
CA GLU D 53 10.33 -38.85 -8.46
C GLU D 53 11.04 -37.73 -7.72
N GLY D 54 12.20 -37.31 -8.24
CA GLY D 54 12.93 -36.23 -7.62
C GLY D 54 12.15 -34.92 -7.63
N ALA D 55 11.59 -34.60 -8.78
CA ALA D 55 10.87 -33.33 -8.95
C ALA D 55 9.59 -33.33 -8.08
N ARG D 56 8.86 -34.45 -8.09
CA ARG D 56 7.64 -34.55 -7.30
C ARG D 56 7.94 -34.54 -5.81
N PHE D 57 9.13 -35.04 -5.46
CA PHE D 57 9.61 -35.03 -4.08
C PHE D 57 9.87 -33.59 -3.65
N ILE D 58 10.56 -32.85 -4.50
CA ILE D 58 10.77 -31.43 -4.23
C ILE D 58 9.39 -30.75 -4.02
N PHE D 59 8.48 -30.95 -4.97
CA PHE D 59 7.14 -30.35 -4.93
C PHE D 59 6.38 -30.69 -3.64
N ASP D 60 6.36 -31.97 -3.28
CA ASP D 60 5.65 -32.41 -2.08
C ASP D 60 6.25 -31.83 -0.80
N VAL D 61 7.58 -31.85 -0.68
CA VAL D 61 8.24 -31.32 0.50
C VAL D 61 8.01 -29.81 0.64
N GLY D 62 8.23 -29.09 -0.46
CA GLY D 62 8.05 -27.65 -0.47
C GLY D 62 6.62 -27.22 -0.14
N THR D 63 5.64 -27.98 -0.62
CA THR D 63 4.22 -27.64 -0.39
C THR D 63 3.85 -27.72 1.10
N ARG D 64 4.28 -28.79 1.76
CA ARG D 64 4.06 -28.96 3.17
C ARG D 64 4.76 -27.89 4.01
N LEU D 65 5.73 -27.21 3.41
CA LEU D 65 6.37 -26.08 4.07
C LEU D 65 5.72 -24.77 3.66
N GLY D 66 4.68 -24.85 2.83
CA GLY D 66 4.02 -23.68 2.30
C GLY D 66 4.91 -22.76 1.50
N LEU D 67 5.64 -23.29 0.53
CA LEU D 67 6.48 -22.41 -0.29
C LEU D 67 5.80 -22.00 -1.59
N HIS D 68 6.12 -20.77 -1.99
CA HIS D 68 5.77 -20.17 -3.28
C HIS D 68 6.05 -21.12 -4.47
N TYR D 69 5.14 -21.18 -5.44
CA TYR D 69 5.33 -22.06 -6.62
C TYR D 69 6.61 -21.75 -7.40
N ASP D 70 7.10 -20.50 -7.30
CA ASP D 70 8.32 -20.11 -7.99
C ASP D 70 9.52 -20.71 -7.27
N THR D 71 9.39 -20.85 -5.95
CA THR D 71 10.43 -21.43 -5.14
C THR D 71 10.52 -22.93 -5.41
N LEU D 72 9.38 -23.60 -5.58
CA LEU D 72 9.39 -25.02 -5.94
C LEU D 72 10.03 -25.21 -7.31
N ALA D 73 9.62 -24.37 -8.25
CA ALA D 73 10.06 -24.46 -9.63
C ALA D 73 11.57 -24.23 -9.72
N THR D 74 12.06 -23.31 -8.89
CA THR D 74 13.49 -22.99 -8.90
C THR D 74 14.29 -24.19 -8.38
N GLY D 75 13.77 -24.83 -7.32
CA GLY D 75 14.35 -26.05 -6.80
C GLY D 75 14.45 -27.16 -7.87
N ILE D 76 13.36 -27.34 -8.58
CA ILE D 76 13.26 -28.36 -9.58
C ILE D 76 14.18 -28.08 -10.77
N ILE D 77 14.34 -26.82 -11.15
CA ILE D 77 15.18 -26.50 -12.28
C ILE D 77 16.68 -26.77 -11.92
N TYR D 78 17.08 -26.39 -10.70
CA TYR D 78 18.41 -26.71 -10.17
C TYR D 78 18.64 -28.22 -10.22
N PHE D 79 17.61 -28.96 -9.84
CA PHE D 79 17.67 -30.40 -9.77
C PHE D 79 17.96 -30.98 -11.18
N HIS D 80 17.21 -30.53 -12.17
CA HIS D 80 17.36 -31.03 -13.53
C HIS D 80 18.72 -30.69 -14.15
N ARG D 81 19.23 -29.50 -13.83
CA ARG D 81 20.48 -29.04 -14.35
C ARG D 81 21.62 -29.84 -13.74
N PHE D 82 21.54 -30.06 -12.42
CA PHE D 82 22.54 -30.82 -11.68
C PHE D 82 22.84 -32.15 -12.35
N TYR D 83 21.80 -32.84 -12.84
CA TYR D 83 21.99 -34.17 -13.44
C TYR D 83 22.31 -34.09 -14.94
N MET D 84 22.62 -32.91 -15.43
CA MET D 84 23.27 -32.81 -16.70
C MET D 84 24.78 -32.93 -16.50
N PHE D 85 25.24 -32.93 -15.25
CA PHE D 85 26.68 -32.93 -14.96
C PHE D 85 27.15 -34.07 -14.07
N HIS D 86 26.21 -34.66 -13.34
CA HIS D 86 26.50 -35.76 -12.46
C HIS D 86 25.54 -36.92 -12.74
N SER D 87 25.92 -38.11 -12.30
CA SER D 87 25.10 -39.31 -12.54
C SER D 87 24.24 -39.73 -11.35
N PHE D 88 23.03 -40.23 -11.61
CA PHE D 88 22.17 -40.71 -10.52
C PHE D 88 22.82 -41.88 -9.79
N LYS D 89 23.69 -42.61 -10.47
CA LYS D 89 24.35 -43.73 -9.80
C LYS D 89 25.33 -43.25 -8.73
N GLN D 90 25.79 -42.00 -8.86
CA GLN D 90 26.78 -41.45 -7.94
C GLN D 90 26.19 -40.46 -6.92
N PHE D 91 25.01 -39.92 -7.22
CA PHE D 91 24.36 -38.93 -6.36
C PHE D 91 22.86 -39.28 -6.19
N PRO D 92 22.47 -39.80 -5.01
CA PRO D 92 21.08 -40.22 -4.71
C PRO D 92 20.10 -39.05 -4.86
N ARG D 93 19.02 -39.30 -5.58
CA ARG D 93 18.16 -38.23 -6.10
C ARG D 93 17.40 -37.43 -5.04
N TYR D 94 17.04 -38.05 -3.91
CA TYR D 94 16.20 -37.36 -2.92
C TYR D 94 17.06 -36.43 -2.08
N VAL D 95 18.30 -36.83 -1.86
CA VAL D 95 19.27 -35.99 -1.17
C VAL D 95 19.54 -34.75 -2.01
N THR D 96 19.69 -34.94 -3.32
CA THR D 96 19.87 -33.81 -4.22
C THR D 96 18.63 -32.91 -4.26
N GLY D 97 17.45 -33.53 -4.30
CA GLY D 97 16.17 -32.81 -4.25
C GLY D 97 16.11 -31.93 -3.01
N ALA D 98 16.42 -32.50 -1.85
CA ALA D 98 16.38 -31.73 -0.61
C ALA D 98 17.37 -30.58 -0.67
N CYS D 99 18.57 -30.84 -1.20
CA CYS D 99 19.56 -29.77 -1.31
C CYS D 99 19.08 -28.64 -2.23
N CYS D 100 18.51 -29.02 -3.38
CA CYS D 100 18.04 -28.03 -4.34
C CYS D 100 16.89 -27.16 -3.75
N LEU D 101 15.96 -27.78 -3.03
CA LEU D 101 14.89 -27.01 -2.35
C LEU D 101 15.45 -26.03 -1.31
N PHE D 102 16.41 -26.50 -0.52
CA PHE D 102 17.07 -25.67 0.49
C PHE D 102 17.69 -24.43 -0.13
N LEU D 103 18.43 -24.62 -1.21
CA LEU D 103 19.10 -23.52 -1.90
C LEU D 103 18.10 -22.60 -2.57
N ALA D 104 17.06 -23.17 -3.21
CA ALA D 104 16.00 -22.38 -3.85
C ALA D 104 15.37 -21.40 -2.84
N GLY D 105 15.12 -21.88 -1.63
CA GLY D 105 14.53 -21.06 -0.57
C GLY D 105 15.25 -19.74 -0.31
N LYS D 106 16.57 -19.83 -0.14
CA LYS D 106 17.42 -18.66 0.07
C LYS D 106 17.42 -17.72 -1.13
N VAL D 107 17.59 -18.29 -2.31
CA VAL D 107 17.62 -17.51 -3.55
C VAL D 107 16.30 -16.76 -3.82
N GLU D 108 15.19 -17.40 -3.49
CA GLU D 108 13.87 -16.83 -3.74
C GLU D 108 13.37 -16.05 -2.52
N GLU D 109 14.29 -15.73 -1.59
CA GLU D 109 13.93 -14.97 -0.39
C GLU D 109 12.75 -15.57 0.37
N THR D 110 12.66 -16.89 0.40
CA THR D 110 11.71 -17.61 1.25
C THR D 110 12.44 -18.74 1.98
N PRO D 111 13.37 -18.38 2.87
CA PRO D 111 14.23 -19.37 3.55
C PRO D 111 13.49 -20.36 4.42
N LYS D 112 13.89 -21.62 4.33
CA LYS D 112 13.48 -22.64 5.29
C LYS D 112 14.71 -23.28 5.91
N LYS D 113 14.63 -23.59 7.20
CA LYS D 113 15.71 -24.23 7.91
C LYS D 113 15.93 -25.63 7.35
N CYS D 114 17.18 -26.03 7.21
CA CYS D 114 17.50 -27.32 6.62
C CYS D 114 16.95 -28.46 7.46
N LYS D 115 16.85 -28.23 8.77
CA LYS D 115 16.38 -29.24 9.69
C LYS D 115 14.92 -29.57 9.40
N ASP D 116 14.18 -28.57 8.96
CA ASP D 116 12.77 -28.72 8.61
C ASP D 116 12.57 -29.54 7.33
N ILE D 117 13.41 -29.27 6.33
CA ILE D 117 13.36 -29.99 5.07
C ILE D 117 13.59 -31.48 5.32
N ILE D 118 14.53 -31.77 6.20
CA ILE D 118 14.84 -33.15 6.56
C ILE D 118 13.68 -33.84 7.27
N LYS D 119 13.04 -33.17 8.24
CA LYS D 119 11.90 -33.80 8.89
C LYS D 119 10.79 -34.03 7.87
N THR D 120 10.54 -33.03 7.02
CA THR D 120 9.55 -33.17 5.97
C THR D 120 9.91 -34.33 5.05
N ALA D 121 11.19 -34.42 4.70
CA ALA D 121 11.66 -35.50 3.84
C ALA D 121 11.47 -36.83 4.55
N ARG D 122 11.77 -36.83 5.84
CA ARG D 122 11.61 -38.02 6.66
C ARG D 122 10.13 -38.42 6.72
N SER D 123 9.26 -37.42 6.76
CA SER D 123 7.82 -37.65 6.82
C SER D 123 7.27 -38.31 5.57
N LEU D 124 7.74 -37.89 4.41
CA LEU D 124 7.15 -38.30 3.13
C LEU D 124 7.79 -39.54 2.54
N LEU D 125 9.02 -39.83 2.95
CA LEU D 125 9.75 -40.98 2.42
C LEU D 125 9.64 -42.21 3.32
N ASN D 126 9.83 -43.38 2.76
CA ASN D 126 10.00 -44.57 3.57
C ASN D 126 11.47 -44.64 4.02
N ASP D 127 11.82 -45.64 4.81
CA ASP D 127 13.18 -45.74 5.32
C ASP D 127 14.21 -46.06 4.25
N VAL D 128 13.83 -46.91 3.29
CA VAL D 128 14.74 -47.26 2.21
C VAL D 128 15.08 -46.01 1.42
N GLN D 129 14.05 -45.25 1.05
CA GLN D 129 14.22 -43.98 0.37
C GLN D 129 15.00 -42.98 1.22
N PHE D 130 14.67 -42.89 2.51
CA PHE D 130 15.35 -41.95 3.40
C PHE D 130 16.76 -42.42 3.74
N GLY D 131 17.02 -43.71 3.53
CA GLY D 131 18.34 -44.29 3.72
C GLY D 131 19.42 -43.54 2.95
N GLN D 132 18.99 -42.93 1.85
CA GLN D 132 19.85 -42.14 0.98
C GLN D 132 20.61 -41.04 1.74
N PHE D 133 20.06 -40.60 2.86
CA PHE D 133 20.63 -39.47 3.60
C PHE D 133 21.73 -39.90 4.57
N GLY D 134 21.95 -41.21 4.68
CA GLY D 134 23.04 -41.74 5.49
C GLY D 134 22.90 -41.51 6.98
N ASP D 135 24.04 -41.44 7.67
CA ASP D 135 24.07 -41.36 9.13
C ASP D 135 23.76 -39.96 9.64
N ASP D 136 24.21 -38.93 8.94
CA ASP D 136 23.93 -37.56 9.32
C ASP D 136 23.26 -36.82 8.15
N PRO D 137 21.92 -36.83 8.13
CA PRO D 137 21.15 -36.24 7.03
C PRO D 137 21.45 -34.76 6.81
N LYS D 138 21.51 -33.95 7.86
CA LYS D 138 21.67 -32.51 7.66
C LYS D 138 22.94 -32.12 6.94
N GLU D 139 24.06 -32.73 7.29
CA GLU D 139 25.31 -32.24 6.73
C GLU D 139 25.68 -33.00 5.46
N GLU D 140 24.90 -34.02 5.11
CA GLU D 140 25.07 -34.60 3.77
C GLU D 140 24.44 -33.65 2.77
N VAL D 141 23.40 -32.94 3.21
CA VAL D 141 22.77 -31.91 2.41
C VAL D 141 23.67 -30.67 2.29
N MET D 142 24.24 -30.25 3.42
CA MET D 142 25.08 -29.06 3.44
C MET D 142 26.34 -29.19 2.59
N VAL D 143 26.93 -30.38 2.57
CA VAL D 143 28.15 -30.55 1.78
C VAL D 143 27.77 -30.58 0.31
N LEU D 144 26.60 -31.14 0.00
CA LEU D 144 26.13 -31.17 -1.38
C LEU D 144 25.85 -29.76 -1.92
N GLU D 145 25.54 -28.82 -1.04
CA GLU D 145 25.23 -27.46 -1.49
C GLU D 145 26.43 -26.78 -2.14
N ARG D 146 27.63 -27.04 -1.63
CA ARG D 146 28.84 -26.55 -2.27
C ARG D 146 28.92 -27.09 -3.70
N ILE D 147 28.71 -28.38 -3.83
CA ILE D 147 28.78 -29.05 -5.14
C ILE D 147 27.69 -28.51 -6.07
N LEU D 148 26.47 -28.39 -5.53
CA LEU D 148 25.35 -27.87 -6.30
C LEU D 148 25.68 -26.48 -6.85
N LEU D 149 26.13 -25.59 -5.98
CA LEU D 149 26.40 -24.21 -6.39
C LEU D 149 27.46 -24.11 -7.48
N GLN D 150 28.48 -24.96 -7.36
CA GLN D 150 29.55 -25.00 -8.36
C GLN D 150 29.00 -25.53 -9.67
N THR D 151 28.14 -26.52 -9.57
CA THR D 151 27.57 -27.19 -10.73
C THR D 151 26.66 -26.25 -11.51
N ILE D 152 25.83 -25.47 -10.81
CA ILE D 152 24.97 -24.54 -11.51
C ILE D 152 25.68 -23.23 -11.81
N LYS D 153 26.99 -23.20 -11.56
CA LYS D 153 27.88 -22.10 -11.94
C LYS D 153 27.45 -20.78 -11.28
N PHE D 154 26.80 -20.90 -10.13
CA PHE D 154 26.31 -19.74 -9.39
C PHE D 154 25.37 -18.86 -10.21
N ASP D 155 24.71 -19.47 -11.20
CA ASP D 155 23.67 -18.78 -11.95
C ASP D 155 22.30 -19.02 -11.29
N LEU D 156 22.01 -18.22 -10.27
CA LEU D 156 20.90 -18.48 -9.34
C LEU D 156 19.55 -18.02 -9.86
N GLN D 157 19.55 -16.96 -10.66
CA GLN D 157 18.29 -16.39 -11.11
C GLN D 157 17.64 -17.18 -12.24
N VAL D 158 16.40 -17.59 -12.00
CA VAL D 158 15.67 -18.41 -12.95
C VAL D 158 14.26 -17.89 -13.10
N GLU D 159 13.73 -17.89 -14.32
CA GLU D 159 12.34 -17.47 -14.55
C GLU D 159 11.54 -18.69 -15.02
N HIS D 160 10.24 -18.71 -14.71
CA HIS D 160 9.39 -19.89 -14.94
C HIS D 160 8.19 -19.60 -15.85
N PRO D 161 7.52 -20.65 -16.35
CA PRO D 161 6.42 -20.41 -17.29
C PRO D 161 5.18 -19.74 -16.69
N TYR D 162 5.00 -19.80 -15.38
CA TYR D 162 3.79 -19.29 -14.75
C TYR D 162 3.58 -17.79 -15.07
N GLN D 163 4.57 -16.98 -14.73
CA GLN D 163 4.56 -15.54 -14.98
C GLN D 163 4.24 -15.18 -16.45
N PHE D 164 4.71 -15.98 -17.41
CA PHE D 164 4.45 -15.64 -18.81
C PHE D 164 3.04 -16.07 -19.23
N LEU D 165 2.62 -17.24 -18.75
CA LEU D 165 1.25 -17.70 -18.92
C LEU D 165 0.25 -16.62 -18.44
N LEU D 166 0.56 -15.96 -17.32
CA LEU D 166 -0.33 -14.92 -16.82
C LEU D 166 -0.26 -13.68 -17.69
N LYS D 167 0.95 -13.30 -18.07
CA LYS D 167 1.17 -12.10 -18.88
C LYS D 167 0.53 -12.18 -20.26
N TYR D 168 0.64 -13.32 -20.93
CA TYR D 168 0.11 -13.48 -22.29
C TYR D 168 -1.40 -13.61 -22.28
N ALA D 169 -1.92 -14.42 -21.36
CA ALA D 169 -3.34 -14.67 -21.27
C ALA D 169 -4.10 -13.39 -20.92
N LYS D 170 -3.45 -12.49 -20.19
CA LYS D 170 -4.09 -11.22 -19.80
C LYS D 170 -4.39 -10.33 -21.01
N GLN D 171 -3.85 -10.70 -22.17
CA GLN D 171 -4.08 -9.92 -23.39
C GLN D 171 -5.01 -10.63 -24.36
N LEU D 172 -5.63 -11.70 -23.89
CA LEU D 172 -6.67 -12.39 -24.66
C LEU D 172 -7.97 -11.70 -24.31
N LYS D 173 -8.82 -11.45 -25.30
CA LYS D 173 -9.92 -10.50 -25.15
C LYS D 173 -11.31 -11.08 -24.90
N GLY D 174 -11.54 -12.32 -25.33
CA GLY D 174 -12.88 -12.84 -25.45
C GLY D 174 -13.61 -13.26 -24.18
N ASP D 175 -14.23 -14.44 -24.24
CA ASP D 175 -15.01 -15.01 -23.15
C ASP D 175 -14.23 -15.16 -21.85
N LYS D 176 -14.60 -14.37 -20.85
CA LYS D 176 -13.95 -14.36 -19.54
C LYS D 176 -13.88 -15.75 -18.89
N ASN D 177 -14.94 -16.55 -19.04
CA ASN D 177 -14.94 -17.84 -18.36
C ASN D 177 -14.07 -18.88 -19.07
N LYS D 178 -14.11 -18.90 -20.40
CA LYS D 178 -13.29 -19.87 -21.13
C LYS D 178 -11.81 -19.57 -20.98
N ILE D 179 -11.46 -18.29 -21.00
CA ILE D 179 -10.08 -17.86 -20.79
C ILE D 179 -9.60 -18.31 -19.40
N GLN D 180 -10.48 -18.25 -18.40
CA GLN D 180 -10.13 -18.74 -17.08
C GLN D 180 -9.97 -20.26 -17.08
N LYS D 181 -10.77 -20.95 -17.90
CA LYS D 181 -10.63 -22.39 -18.02
C LYS D 181 -9.25 -22.72 -18.63
N LEU D 182 -8.85 -21.91 -19.60
CA LEU D 182 -7.58 -22.07 -20.30
C LEU D 182 -6.38 -21.92 -19.37
N VAL D 183 -6.35 -20.80 -18.65
CA VAL D 183 -5.26 -20.47 -17.74
C VAL D 183 -5.11 -21.54 -16.67
N GLN D 184 -6.24 -22.02 -16.17
CA GLN D 184 -6.22 -22.98 -15.07
C GLN D 184 -5.67 -24.33 -15.50
N MET D 185 -6.15 -24.84 -16.63
CA MET D 185 -5.65 -26.13 -17.11
C MET D 185 -4.18 -26.01 -17.53
N ALA D 186 -3.81 -24.86 -18.08
CA ALA D 186 -2.44 -24.63 -18.51
C ALA D 186 -1.52 -24.57 -17.30
N TRP D 187 -2.05 -24.02 -16.22
CA TRP D 187 -1.37 -23.98 -14.94
C TRP D 187 -0.99 -25.37 -14.49
N THR D 188 -1.95 -26.28 -14.54
CA THR D 188 -1.67 -27.66 -14.17
C THR D 188 -0.58 -28.24 -15.10
N PHE D 189 -0.64 -27.92 -16.39
CA PHE D 189 0.35 -28.44 -17.34
C PHE D 189 1.76 -27.92 -17.06
N VAL D 190 1.88 -26.68 -16.54
CA VAL D 190 3.21 -26.20 -16.16
C VAL D 190 3.75 -27.06 -15.04
N ASN D 191 2.94 -27.31 -14.02
CA ASN D 191 3.34 -28.23 -12.96
C ASN D 191 3.79 -29.59 -13.50
N ASP D 192 3.01 -30.18 -14.41
CA ASP D 192 3.37 -31.47 -15.00
C ASP D 192 4.68 -31.42 -15.73
N SER D 193 4.91 -30.30 -16.43
CA SER D 193 6.07 -30.18 -17.28
C SER D 193 7.36 -30.18 -16.46
N LEU D 194 7.25 -29.78 -15.20
CA LEU D 194 8.43 -29.68 -14.34
C LEU D 194 9.01 -31.04 -13.97
N CYS D 195 8.26 -32.09 -14.29
CA CYS D 195 8.67 -33.46 -13.98
C CYS D 195 9.49 -34.05 -15.14
N THR D 196 9.71 -33.24 -16.16
CA THR D 196 10.35 -33.67 -17.39
C THR D 196 11.58 -32.81 -17.67
N THR D 197 12.31 -33.09 -18.74
CA THR D 197 13.50 -32.29 -19.05
C THR D 197 13.09 -31.10 -19.93
N LEU D 198 11.79 -30.81 -19.98
CA LEU D 198 11.31 -29.73 -20.84
C LEU D 198 12.00 -28.40 -20.54
N SER D 199 12.26 -28.11 -19.27
CA SER D 199 12.96 -26.89 -18.89
C SER D 199 14.43 -26.86 -19.32
N LEU D 200 14.96 -28.02 -19.70
CA LEU D 200 16.32 -28.11 -20.22
C LEU D 200 16.31 -27.97 -21.73
N GLN D 201 15.11 -27.91 -22.32
CA GLN D 201 15.00 -27.90 -23.78
C GLN D 201 14.55 -26.55 -24.33
N TRP D 202 13.58 -25.92 -23.67
CA TRP D 202 12.99 -24.68 -24.18
C TRP D 202 12.86 -23.61 -23.11
N GLU D 203 12.97 -22.35 -23.52
CA GLU D 203 12.84 -21.20 -22.62
C GLU D 203 11.45 -21.12 -21.99
N PRO D 204 11.35 -20.52 -20.78
CA PRO D 204 10.09 -20.47 -20.03
C PRO D 204 8.94 -19.89 -20.85
N GLU D 205 9.24 -18.87 -21.67
CA GLU D 205 8.23 -18.25 -22.51
C GLU D 205 7.59 -19.24 -23.45
N ILE D 206 8.43 -20.08 -24.05
CA ILE D 206 7.95 -21.05 -25.03
C ILE D 206 7.08 -22.11 -24.36
N ILE D 207 7.50 -22.57 -23.18
CA ILE D 207 6.75 -23.55 -22.42
C ILE D 207 5.35 -22.98 -22.09
N ALA D 208 5.33 -21.70 -21.72
CA ALA D 208 4.08 -21.00 -21.40
C ALA D 208 3.11 -21.02 -22.58
N VAL D 209 3.61 -20.73 -23.79
CA VAL D 209 2.74 -20.73 -24.96
C VAL D 209 2.26 -22.15 -25.26
N ALA D 210 3.15 -23.11 -25.11
CA ALA D 210 2.86 -24.49 -25.41
C ALA D 210 1.76 -25.04 -24.52
N VAL D 211 1.78 -24.68 -23.24
CA VAL D 211 0.77 -25.19 -22.33
C VAL D 211 -0.59 -24.52 -22.61
N MET D 212 -0.57 -23.26 -23.08
CA MET D 212 -1.79 -22.59 -23.56
C MET D 212 -2.34 -23.30 -24.81
N TYR D 213 -1.42 -23.61 -25.71
CA TYR D 213 -1.77 -24.26 -26.98
C TYR D 213 -2.40 -25.62 -26.69
N LEU D 214 -1.84 -26.33 -25.71
CA LEU D 214 -2.35 -27.64 -25.37
C LEU D 214 -3.74 -27.56 -24.73
N ALA D 215 -3.90 -26.62 -23.79
CA ALA D 215 -5.20 -26.43 -23.13
C ALA D 215 -6.25 -26.09 -24.19
N GLY D 216 -5.92 -25.14 -25.05
CA GLY D 216 -6.76 -24.78 -26.17
C GLY D 216 -7.21 -25.95 -27.03
N ARG D 217 -6.34 -26.93 -27.23
CA ARG D 217 -6.70 -28.04 -28.09
C ARG D 217 -7.65 -28.97 -27.35
N LEU D 218 -7.34 -29.24 -26.10
CA LEU D 218 -8.17 -30.11 -25.27
C LEU D 218 -9.53 -29.50 -24.92
N CYS D 219 -9.62 -28.18 -24.90
CA CYS D 219 -10.85 -27.50 -24.57
C CYS D 219 -11.62 -27.11 -25.84
N LYS D 220 -11.03 -27.43 -26.98
CA LYS D 220 -11.56 -27.07 -28.30
C LYS D 220 -11.77 -25.56 -28.41
N PHE D 221 -10.80 -24.79 -27.91
CA PHE D 221 -10.85 -23.34 -27.99
C PHE D 221 -10.05 -22.82 -29.18
N GLU D 222 -10.60 -21.87 -29.92
CA GLU D 222 -9.83 -21.21 -30.97
C GLU D 222 -9.26 -19.93 -30.40
N ILE D 223 -8.00 -20.00 -29.98
CA ILE D 223 -7.35 -18.91 -29.23
C ILE D 223 -7.17 -17.64 -30.06
N GLN D 224 -6.94 -17.81 -31.37
CA GLN D 224 -6.88 -16.69 -32.33
C GLN D 224 -8.04 -15.70 -32.13
N GLU D 225 -9.24 -16.23 -31.96
CA GLU D 225 -10.44 -15.41 -31.82
C GLU D 225 -10.38 -14.48 -30.60
N TRP D 226 -9.34 -14.62 -29.79
CA TRP D 226 -9.18 -13.81 -28.61
C TRP D 226 -8.03 -12.82 -28.78
N THR D 227 -7.48 -12.72 -29.99
CA THR D 227 -6.33 -11.84 -30.21
C THR D 227 -6.65 -10.67 -31.14
N SER D 228 -5.72 -9.72 -31.22
CA SER D 228 -5.93 -8.52 -32.01
C SER D 228 -5.97 -8.85 -33.49
N LYS D 229 -5.33 -9.95 -33.87
CA LYS D 229 -5.45 -10.47 -35.22
C LYS D 229 -6.09 -11.85 -35.17
N PRO D 230 -7.43 -11.90 -35.17
CA PRO D 230 -8.20 -13.14 -34.96
C PRO D 230 -8.04 -14.09 -36.12
N MET D 231 -7.58 -13.57 -37.25
CA MET D 231 -7.43 -14.36 -38.46
C MET D 231 -6.06 -15.03 -38.60
N TYR D 232 -5.15 -14.74 -37.68
CA TYR D 232 -3.82 -15.32 -37.75
C TYR D 232 -3.77 -16.55 -36.85
N ARG D 233 -3.70 -17.72 -37.48
CA ARG D 233 -3.75 -18.99 -36.77
C ARG D 233 -2.57 -19.14 -35.82
N ARG D 234 -1.42 -18.57 -36.21
CA ARG D 234 -0.25 -18.56 -35.34
C ARG D 234 -0.36 -17.40 -34.34
N TRP D 235 -1.38 -17.48 -33.49
CA TRP D 235 -1.72 -16.46 -32.51
C TRP D 235 -0.59 -16.19 -31.51
N TRP D 236 0.34 -17.13 -31.38
CA TRP D 236 1.35 -17.04 -30.34
C TRP D 236 2.55 -16.18 -30.71
N GLU D 237 2.72 -15.89 -32.00
CA GLU D 237 3.88 -15.11 -32.45
C GLU D 237 3.85 -13.69 -31.92
N GLN D 238 2.72 -13.30 -31.34
CA GLN D 238 2.57 -11.99 -30.73
C GLN D 238 3.35 -11.96 -29.43
N PHE D 239 3.59 -13.14 -28.87
CA PHE D 239 4.21 -13.25 -27.55
C PHE D 239 5.66 -13.67 -27.65
N VAL D 240 5.95 -14.56 -28.60
CA VAL D 240 7.32 -15.02 -28.85
C VAL D 240 7.60 -15.01 -30.34
N GLN D 241 8.85 -14.75 -30.70
CA GLN D 241 9.22 -14.61 -32.10
C GLN D 241 9.83 -15.88 -32.69
N ASP D 242 9.45 -16.18 -33.93
CA ASP D 242 10.06 -17.27 -34.70
C ASP D 242 9.95 -18.64 -34.02
N VAL D 243 8.74 -18.97 -33.55
CA VAL D 243 8.49 -20.28 -32.97
C VAL D 243 7.60 -21.13 -33.88
N PRO D 244 8.16 -22.21 -34.45
CA PRO D 244 7.39 -23.03 -35.41
C PRO D 244 6.36 -23.89 -34.68
N VAL D 245 5.34 -24.32 -35.41
CA VAL D 245 4.26 -25.10 -34.82
C VAL D 245 4.71 -26.43 -34.20
N ASP D 246 5.52 -27.18 -34.94
CA ASP D 246 6.07 -28.49 -34.52
C ASP D 246 6.69 -28.43 -33.11
N VAL D 247 7.36 -27.32 -32.80
CA VAL D 247 7.99 -27.17 -31.50
C VAL D 247 6.92 -27.22 -30.41
N LEU D 248 5.80 -26.53 -30.63
CA LEU D 248 4.67 -26.60 -29.70
C LEU D 248 4.12 -28.03 -29.67
N GLU D 249 3.98 -28.65 -30.84
CA GLU D 249 3.48 -30.02 -30.94
C GLU D 249 4.35 -31.00 -30.17
N ASP D 250 5.67 -30.80 -30.23
CA ASP D 250 6.58 -31.64 -29.49
C ASP D 250 6.39 -31.55 -27.98
N ILE D 251 6.30 -30.33 -27.47
CA ILE D 251 6.17 -30.11 -26.02
C ILE D 251 4.88 -30.75 -25.51
N CYS D 252 3.83 -30.66 -26.31
CA CYS D 252 2.53 -31.22 -25.96
C CYS D 252 2.62 -32.73 -25.80
N HIS D 253 3.27 -33.37 -26.76
CA HIS D 253 3.42 -34.82 -26.79
C HIS D 253 4.21 -35.30 -25.57
N GLN D 254 5.23 -34.53 -25.20
CA GLN D 254 6.03 -34.86 -24.03
C GLN D 254 5.25 -34.73 -22.74
N ILE D 255 4.47 -33.65 -22.63
CA ILE D 255 3.59 -33.47 -21.47
C ILE D 255 2.48 -34.52 -21.45
N LEU D 256 1.85 -34.75 -22.60
CA LEU D 256 0.74 -35.70 -22.68
C LEU D 256 1.20 -37.11 -22.33
N ASP D 257 2.49 -37.35 -22.52
CA ASP D 257 3.08 -38.66 -22.27
C ASP D 257 2.98 -39.09 -20.81
N LEU D 258 2.85 -38.12 -19.92
CA LEU D 258 2.75 -38.39 -18.49
C LEU D 258 1.39 -38.98 -18.09
N TYR D 259 0.42 -38.92 -19.00
CA TYR D 259 -0.86 -39.56 -18.74
C TYR D 259 -0.95 -40.83 -19.58
N SER D 260 0.12 -41.62 -19.55
CA SER D 260 0.30 -42.78 -20.40
C SER D 260 -0.80 -43.82 -20.21
#